data_6V9I
#
_entry.id   6V9I
#
loop_
_entity.id
_entity.type
_entity.pdbx_description
1 polymer 'Immunoglobulin G-binding protein G,Cullin-5'
2 polymer 'RING-box protein 2'
3 non-polymer 'ZINC ION'
#
loop_
_entity_poly.entity_id
_entity_poly.type
_entity_poly.pdbx_seq_one_letter_code
_entity_poly.pdbx_strand_id
1 'polypeptide(L)'
;MGSSHHHHHHSQDPMEYKLILNGKTLKGETTTEAVDAATAEKVFKQYANDNGVDGEWTYDDATKTFTVTEIPTTENLYFQ
GEFMATSNLLKNKGSLQFEDKWDFMRPIVLKLLRQESVTKQQWFDLFSDVHAVCLWDDKGPAKIHQALKEDILEFIKQAQ
ARVLSHQDDTALLKAYIVEWRKFFTQCDILPKPFCQLEITLMGKQGSNKKSNVEDSIVRKLMLDTWNESIFSNIKNRLQD
SAMKLVHAERLGEAFDSQLVIGVRESYVNLCSNPEDKLQIYRDNFEKAYLDSTERFYRTQAPSYLQQNGVQNYMKYADAK
LKEEEKRALRYLETRRECNSVEALMECCVNALVTSFKETILAECQGMIKRNETEKLHLMFSLMDKVPNGIEPMLKDLEEH
IISAGLADMVAAAETITTDSEKYVEQLLTLFNRFSKLVKEAFQDDPRFLTARDKAYKAVVNDATIFKLELPLKQKGVGLK
TQPESKCPELLANYCDMLLRKTPLSKKLTSEEIEAKLKEVLLVLKYVQNKDVFMRYHKAHLTRRLILDISADSEIEENMV
EWLREVGMPADYVNKLARMFQDIKVSEDLNQAFKEMHKNNKLALPADSVNIKILNAGAWSRSSEKVFVSLPTELEDLIPE
VEEFYKKNHSGRKLHWHHLMSNGIITFKNEVGQYDLEVTTFQLAVLFAWNQRPREKISFENLKLATELPDAELRRTLWSL
VAFPKLKRQVLLYEPQVNSPKDFTEGTLFSVNQEFSLIKNAKVQKRGKINLIGRLQLTTERMREEENEGIVQLRILRTQE
AIIQIMKMRKKISNAQLQTELVEILKNMFLPQKKMIKEQIEWLIEHKYIRRDESDINTFIYMA
;
C
2 'polypeptide(L)'
;MADVEDGEEPCVLSSHSGSAGSKSGGDKMFSLKKWNAVAMWSWDVECDTCAICRVQVMDACLRCQAENKQEDCVVVWGEC
NHSFHNCCMSLWVKQNNRCPLCQQDWVVQRIGK
;
R
#
# COMPACT_ATOMS: atom_id res chain seq x y z
N GLN A 97 21.16 -84.06 14.84
CA GLN A 97 21.73 -83.10 13.91
C GLN A 97 20.71 -82.70 12.85
N PHE A 98 21.11 -81.81 11.94
CA PHE A 98 20.19 -81.37 10.90
C PHE A 98 19.59 -82.54 10.15
N GLU A 99 20.43 -83.50 9.79
CA GLU A 99 19.99 -84.66 9.02
C GLU A 99 19.05 -85.60 9.80
N ASP A 100 18.94 -85.41 11.11
CA ASP A 100 18.08 -86.23 11.95
C ASP A 100 16.71 -85.58 12.10
N LYS A 101 16.69 -84.25 12.06
CA LYS A 101 15.47 -83.49 12.27
C LYS A 101 14.80 -83.04 10.97
N TRP A 102 15.61 -82.65 10.00
CA TRP A 102 15.11 -82.08 8.76
C TRP A 102 14.14 -82.99 8.04
N ASP A 103 14.38 -84.29 8.09
CA ASP A 103 13.51 -85.25 7.41
C ASP A 103 12.06 -85.18 7.91
N PHE A 104 11.85 -84.61 9.09
CA PHE A 104 10.51 -84.48 9.67
C PHE A 104 10.00 -83.08 9.45
N MET A 105 10.94 -82.16 9.37
CA MET A 105 10.63 -80.77 9.20
C MET A 105 10.20 -80.47 7.79
N ARG A 106 11.02 -80.89 6.82
CA ARG A 106 10.80 -80.58 5.42
C ARG A 106 9.33 -80.67 5.01
N PRO A 107 8.71 -81.86 5.00
CA PRO A 107 7.31 -82.01 4.61
C PRO A 107 6.46 -80.79 5.05
N ILE A 108 6.70 -80.31 6.27
CA ILE A 108 5.92 -79.23 6.84
C ILE A 108 6.35 -77.93 6.23
N VAL A 109 7.65 -77.79 6.10
CA VAL A 109 8.25 -76.61 5.53
C VAL A 109 7.76 -76.40 4.14
N LEU A 110 7.68 -77.49 3.39
CA LEU A 110 7.20 -77.43 2.05
C LEU A 110 5.78 -76.93 2.06
N LYS A 111 4.97 -77.46 2.98
CA LYS A 111 3.59 -77.03 3.07
C LYS A 111 3.52 -75.54 3.39
N LEU A 112 4.44 -75.04 4.22
CA LEU A 112 4.45 -73.62 4.50
C LEU A 112 4.78 -72.86 3.22
N LEU A 113 5.75 -73.37 2.49
CA LEU A 113 6.24 -72.75 1.26
C LEU A 113 5.24 -72.84 0.11
N ARG A 114 4.38 -73.82 0.16
CA ARG A 114 3.37 -73.98 -0.87
C ARG A 114 2.02 -73.47 -0.37
N GLN A 115 2.00 -72.89 0.84
CA GLN A 115 0.75 -72.45 1.47
C GLN A 115 -0.31 -73.52 1.50
N GLU A 116 0.05 -74.67 2.05
CA GLU A 116 -0.85 -75.78 2.22
C GLU A 116 -1.32 -75.85 3.66
N SER A 117 -2.19 -76.80 3.95
CA SER A 117 -2.80 -76.89 5.28
C SER A 117 -1.85 -77.42 6.36
N VAL A 118 -0.96 -76.55 6.83
CA VAL A 118 -0.06 -76.92 7.93
C VAL A 118 -0.85 -76.97 9.21
N THR A 119 -0.88 -78.13 9.84
CA THR A 119 -1.69 -78.30 11.03
C THR A 119 -0.98 -77.74 12.23
N LYS A 120 -1.72 -77.54 13.31
CA LYS A 120 -1.10 -77.08 14.55
C LYS A 120 0.01 -78.03 14.97
N GLN A 121 -0.25 -79.33 14.86
CA GLN A 121 0.74 -80.31 15.24
C GLN A 121 1.97 -80.14 14.41
N GLN A 122 1.79 -79.89 13.11
CA GLN A 122 2.92 -79.68 12.22
C GLN A 122 3.64 -78.37 12.55
N TRP A 123 2.87 -77.34 12.91
CA TRP A 123 3.45 -76.06 13.28
C TRP A 123 4.49 -76.31 14.34
N PHE A 124 4.09 -77.08 15.36
CA PHE A 124 4.94 -77.40 16.50
C PHE A 124 5.99 -78.48 16.22
N ASP A 125 5.65 -79.49 15.41
CA ASP A 125 6.65 -80.52 15.10
C ASP A 125 7.82 -79.84 14.44
N LEU A 126 7.52 -78.98 13.49
CA LEU A 126 8.53 -78.21 12.80
C LEU A 126 9.24 -77.29 13.76
N PHE A 127 8.49 -76.48 14.50
CA PHE A 127 9.05 -75.48 15.42
C PHE A 127 10.03 -76.12 16.38
N SER A 128 9.63 -77.24 16.98
CA SER A 128 10.46 -77.96 17.92
C SER A 128 11.71 -78.47 17.23
N ASP A 129 11.53 -79.02 16.04
CA ASP A 129 12.64 -79.54 15.29
C ASP A 129 13.56 -78.42 14.76
N VAL A 130 13.00 -77.23 14.48
CA VAL A 130 13.83 -76.10 14.04
C VAL A 130 14.81 -75.77 15.13
N HIS A 131 14.31 -75.71 16.36
CA HIS A 131 15.14 -75.44 17.52
C HIS A 131 16.23 -76.50 17.61
N ALA A 132 15.82 -77.78 17.50
CA ALA A 132 16.76 -78.90 17.59
C ALA A 132 17.86 -78.78 16.54
N VAL A 133 17.51 -78.37 15.32
CA VAL A 133 18.52 -78.20 14.28
C VAL A 133 19.54 -77.15 14.68
N CYS A 134 19.05 -75.97 15.04
CA CYS A 134 19.93 -74.86 15.37
C CYS A 134 20.80 -75.13 16.59
N LEU A 135 20.26 -75.86 17.56
CA LEU A 135 20.95 -76.17 18.79
C LEU A 135 21.92 -77.34 18.68
N TRP A 136 21.43 -78.47 18.16
CA TRP A 136 22.22 -79.69 18.10
C TRP A 136 23.34 -79.62 17.10
N ASP A 137 23.08 -78.98 15.96
CA ASP A 137 24.01 -78.94 14.87
C ASP A 137 24.61 -77.56 14.71
N ASP A 138 25.90 -77.43 14.99
CA ASP A 138 26.55 -76.11 14.92
C ASP A 138 26.33 -75.42 13.57
N LYS A 139 26.14 -76.22 12.51
CA LYS A 139 25.93 -75.69 11.17
C LYS A 139 24.47 -75.79 10.79
N GLY A 140 23.67 -76.27 11.72
CA GLY A 140 22.26 -76.45 11.56
C GLY A 140 21.60 -75.23 10.96
N PRO A 141 21.72 -74.04 11.57
CA PRO A 141 21.18 -72.79 11.13
C PRO A 141 21.47 -72.54 9.65
N ALA A 142 22.64 -73.00 9.18
CA ALA A 142 22.99 -72.79 7.80
C ALA A 142 22.37 -73.85 6.92
N LYS A 143 22.37 -75.08 7.39
CA LYS A 143 21.85 -76.19 6.63
C LYS A 143 20.37 -76.04 6.43
N ILE A 144 19.71 -75.53 7.46
CA ILE A 144 18.28 -75.33 7.41
C ILE A 144 17.94 -74.25 6.44
N HIS A 145 18.82 -73.23 6.33
CA HIS A 145 18.64 -72.21 5.34
C HIS A 145 18.85 -72.76 3.95
N GLN A 146 19.85 -73.64 3.81
CA GLN A 146 20.14 -74.26 2.52
C GLN A 146 18.99 -75.12 2.07
N ALA A 147 18.54 -76.01 2.92
CA ALA A 147 17.43 -76.86 2.56
C ALA A 147 16.22 -76.01 2.23
N LEU A 148 16.01 -74.95 3.01
CA LEU A 148 14.96 -74.03 2.73
C LEU A 148 15.16 -73.39 1.38
N LYS A 149 16.37 -72.98 1.08
CA LYS A 149 16.65 -72.35 -0.19
C LYS A 149 16.18 -73.24 -1.32
N GLU A 150 16.46 -74.54 -1.20
CA GLU A 150 16.09 -75.49 -2.23
C GLU A 150 14.57 -75.64 -2.30
N ASP A 151 13.93 -75.80 -1.13
CA ASP A 151 12.48 -75.97 -1.06
C ASP A 151 11.76 -74.72 -1.56
N ILE A 152 12.31 -73.58 -1.19
CA ILE A 152 11.78 -72.30 -1.59
C ILE A 152 11.89 -72.16 -3.07
N LEU A 153 13.09 -72.38 -3.58
CA LEU A 153 13.34 -72.26 -4.99
C LEU A 153 12.37 -73.08 -5.77
N GLU A 154 12.14 -74.31 -5.34
CA GLU A 154 11.19 -75.15 -6.04
C GLU A 154 9.87 -74.42 -6.20
N PHE A 155 9.34 -73.90 -5.09
CA PHE A 155 8.09 -73.16 -5.13
C PHE A 155 8.19 -71.95 -6.04
N ILE A 156 9.27 -71.20 -5.90
CA ILE A 156 9.46 -69.99 -6.65
C ILE A 156 9.51 -70.27 -8.13
N LYS A 157 10.16 -71.34 -8.52
CA LYS A 157 10.24 -71.71 -9.90
C LYS A 157 8.88 -72.10 -10.42
N GLN A 158 8.08 -72.74 -9.56
CA GLN A 158 6.73 -73.08 -9.94
C GLN A 158 5.98 -71.79 -10.18
N ALA A 159 6.15 -70.85 -9.26
CA ALA A 159 5.51 -69.56 -9.36
C ALA A 159 5.94 -68.87 -10.64
N GLN A 160 7.23 -68.93 -10.94
CA GLN A 160 7.75 -68.30 -12.12
C GLN A 160 7.02 -68.82 -13.31
N ALA A 161 6.96 -70.14 -13.44
CA ALA A 161 6.28 -70.75 -14.56
C ALA A 161 4.82 -70.32 -14.61
N ARG A 162 4.19 -70.27 -13.44
CA ARG A 162 2.79 -69.90 -13.33
C ARG A 162 2.54 -68.47 -13.75
N VAL A 163 3.60 -67.65 -13.75
CA VAL A 163 3.53 -66.26 -14.16
C VAL A 163 4.10 -66.11 -15.56
N LEU A 164 5.34 -66.54 -15.72
CA LEU A 164 6.09 -66.46 -16.96
C LEU A 164 5.34 -66.98 -18.17
N SER A 165 4.67 -68.13 -18.00
CA SER A 165 3.93 -68.75 -19.10
C SER A 165 2.95 -67.77 -19.76
N HIS A 166 2.48 -66.80 -19.00
CA HIS A 166 1.49 -65.88 -19.49
C HIS A 166 2.11 -64.81 -20.31
N GLN A 167 2.26 -65.06 -21.59
CA GLN A 167 2.86 -64.08 -22.46
C GLN A 167 2.02 -62.81 -22.49
N ASP A 168 0.74 -62.93 -22.20
CA ASP A 168 -0.12 -61.77 -22.07
C ASP A 168 0.23 -61.01 -20.81
N ASP A 169 0.76 -59.81 -20.99
CA ASP A 169 1.26 -58.98 -19.89
C ASP A 169 0.30 -58.80 -18.72
N THR A 170 -1.01 -58.78 -18.98
CA THR A 170 -1.93 -58.53 -17.88
C THR A 170 -2.24 -59.82 -17.18
N ALA A 171 -2.30 -60.91 -17.94
CA ALA A 171 -2.55 -62.22 -17.36
C ALA A 171 -1.37 -62.56 -16.50
N LEU A 172 -0.21 -62.14 -16.96
CA LEU A 172 1.03 -62.34 -16.30
C LEU A 172 0.95 -61.72 -14.94
N LEU A 173 0.57 -60.44 -14.87
CA LEU A 173 0.47 -59.79 -13.59
C LEU A 173 -0.60 -60.39 -12.70
N LYS A 174 -1.69 -60.85 -13.29
CA LYS A 174 -2.72 -61.45 -12.46
C LYS A 174 -2.12 -62.66 -11.77
N ALA A 175 -1.39 -63.45 -12.52
CA ALA A 175 -0.73 -64.63 -12.00
C ALA A 175 0.33 -64.21 -11.02
N TYR A 176 1.04 -63.16 -11.34
CA TYR A 176 2.09 -62.66 -10.49
C TYR A 176 1.54 -62.35 -9.15
N ILE A 177 0.47 -61.62 -9.14
CA ILE A 177 -0.17 -61.22 -7.93
C ILE A 177 -0.68 -62.41 -7.18
N VAL A 178 -1.32 -63.33 -7.86
CA VAL A 178 -1.81 -64.52 -7.18
C VAL A 178 -0.70 -65.25 -6.48
N GLU A 179 0.37 -65.51 -7.23
CA GLU A 179 1.49 -66.21 -6.68
C GLU A 179 2.11 -65.37 -5.60
N TRP A 180 2.15 -64.07 -5.84
CA TRP A 180 2.70 -63.13 -4.89
C TRP A 180 1.99 -63.18 -3.59
N ARG A 181 0.67 -63.25 -3.63
CA ARG A 181 -0.10 -63.23 -2.42
C ARG A 181 0.16 -64.46 -1.62
N LYS A 182 0.25 -65.60 -2.29
CA LYS A 182 0.52 -66.84 -1.59
C LYS A 182 1.91 -66.77 -1.03
N PHE A 183 2.81 -66.25 -1.84
CA PHE A 183 4.21 -66.07 -1.49
C PHE A 183 4.37 -65.18 -0.29
N PHE A 184 3.73 -64.04 -0.32
CA PHE A 184 3.87 -63.09 0.72
C PHE A 184 3.24 -63.63 1.97
N THR A 185 2.09 -64.25 1.82
CA THR A 185 1.43 -64.82 2.96
C THR A 185 2.40 -65.73 3.69
N GLN A 186 2.97 -66.69 2.97
CA GLN A 186 3.95 -67.57 3.58
C GLN A 186 5.15 -66.80 4.13
N CYS A 187 5.49 -65.67 3.53
CA CYS A 187 6.60 -64.87 4.04
C CYS A 187 6.31 -64.41 5.45
N ASP A 188 5.05 -64.15 5.73
CA ASP A 188 4.67 -63.71 7.05
C ASP A 188 4.23 -64.86 7.94
N ILE A 189 3.93 -66.02 7.35
CA ILE A 189 3.55 -67.18 8.16
C ILE A 189 4.73 -68.02 8.53
N LEU A 190 5.54 -68.37 7.56
CA LEU A 190 6.65 -69.28 7.75
C LEU A 190 7.54 -68.95 8.99
N PRO A 191 7.91 -67.68 9.25
CA PRO A 191 8.74 -67.26 10.36
C PRO A 191 8.14 -67.66 11.69
N LYS A 192 6.86 -68.01 11.70
CA LYS A 192 6.22 -68.39 12.94
C LYS A 192 6.65 -69.80 13.34
N PRO A 193 6.40 -70.86 12.53
CA PRO A 193 6.91 -72.20 12.76
C PRO A 193 8.43 -72.13 12.85
N PHE A 194 9.05 -71.15 12.19
CA PHE A 194 10.50 -71.01 12.25
C PHE A 194 11.01 -69.93 13.18
N CYS A 195 10.21 -69.48 14.17
CA CYS A 195 10.72 -68.45 15.08
C CYS A 195 12.07 -68.83 15.62
N GLN A 196 12.22 -70.07 16.00
CA GLN A 196 13.44 -70.54 16.61
C GLN A 196 14.65 -70.32 15.68
N LEU A 197 14.42 -70.45 14.38
CA LEU A 197 15.47 -70.24 13.40
C LEU A 197 15.79 -68.79 13.34
N GLU A 198 14.77 -67.99 13.29
CA GLU A 198 14.92 -66.56 13.11
C GLU A 198 15.53 -65.92 14.36
N ILE A 199 15.24 -66.49 15.49
CA ILE A 199 15.79 -66.06 16.77
C ILE A 199 17.27 -66.40 16.82
N THR A 200 17.62 -67.61 16.42
CA THR A 200 19.01 -68.06 16.41
C THR A 200 19.76 -67.64 15.12
N LEU A 201 19.01 -67.24 14.09
CA LEU A 201 19.54 -66.85 12.79
C LEU A 201 18.42 -66.61 11.78
N ASN A 212 14.48 -62.98 15.69
CA ASN A 212 13.46 -61.99 15.37
C ASN A 212 12.80 -62.25 14.03
N VAL A 213 11.56 -62.74 14.07
CA VAL A 213 10.79 -63.06 12.87
C VAL A 213 10.59 -61.85 11.94
N GLU A 214 10.76 -60.65 12.47
CA GLU A 214 10.61 -59.44 11.65
C GLU A 214 11.85 -59.27 10.76
N ASP A 215 13.00 -59.74 11.24
CA ASP A 215 14.26 -59.66 10.51
C ASP A 215 14.52 -60.99 9.83
N SER A 216 13.59 -61.93 10.05
CA SER A 216 13.64 -63.28 9.54
C SER A 216 14.56 -63.47 8.36
N ILE A 217 15.57 -64.28 8.57
CA ILE A 217 16.53 -64.58 7.56
C ILE A 217 15.91 -65.39 6.48
N VAL A 218 15.04 -66.31 6.85
CA VAL A 218 14.42 -67.13 5.84
C VAL A 218 13.60 -66.23 4.96
N ARG A 219 12.84 -65.33 5.58
CA ARG A 219 12.01 -64.41 4.84
C ARG A 219 12.87 -63.65 3.84
N LYS A 220 14.05 -63.23 4.27
CA LYS A 220 14.95 -62.55 3.37
C LYS A 220 15.31 -63.43 2.21
N LEU A 221 15.64 -64.69 2.50
CA LEU A 221 16.02 -65.62 1.46
C LEU A 221 14.88 -65.80 0.48
N MET A 222 13.66 -65.83 1.01
CA MET A 222 12.48 -66.01 0.20
C MET A 222 12.31 -64.84 -0.74
N LEU A 223 12.44 -63.62 -0.20
CA LEU A 223 12.26 -62.42 -1.00
C LEU A 223 13.36 -62.36 -2.06
N ASP A 224 14.56 -62.78 -1.68
CA ASP A 224 15.69 -62.78 -2.58
C ASP A 224 15.51 -63.80 -3.67
N THR A 225 14.98 -64.97 -3.32
CA THR A 225 14.80 -66.03 -4.30
C THR A 225 13.77 -65.59 -5.31
N TRP A 226 12.69 -64.99 -4.81
CA TRP A 226 11.66 -64.46 -5.66
C TRP A 226 12.30 -63.55 -6.67
N ASN A 227 13.17 -62.66 -6.20
CA ASN A 227 13.87 -61.76 -7.09
C ASN A 227 14.73 -62.51 -8.09
N GLU A 228 15.52 -63.45 -7.61
CA GLU A 228 16.47 -64.17 -8.44
C GLU A 228 15.83 -64.91 -9.59
N SER A 229 14.68 -65.52 -9.34
CA SER A 229 14.02 -66.32 -10.35
C SER A 229 12.98 -65.51 -11.13
N ILE A 230 12.35 -64.56 -10.47
CA ILE A 230 11.25 -63.82 -11.07
C ILE A 230 11.50 -62.34 -11.13
N PHE A 231 11.59 -61.74 -9.97
CA PHE A 231 11.44 -60.30 -9.86
C PHE A 231 12.69 -59.47 -10.07
N SER A 232 13.76 -60.10 -10.50
CA SER A 232 14.94 -59.33 -10.87
C SER A 232 15.41 -59.72 -12.27
N ASN A 233 14.62 -60.54 -12.96
CA ASN A 233 15.02 -60.99 -14.31
C ASN A 233 14.35 -60.16 -15.41
N ILE A 234 11.42 -62.61 -15.41
CA ILE A 234 10.16 -62.12 -15.94
C ILE A 234 9.94 -60.70 -15.48
N LYS A 235 10.73 -60.25 -14.50
CA LYS A 235 10.72 -58.87 -14.01
C LYS A 235 10.56 -57.86 -15.09
N ASN A 236 11.34 -58.00 -16.14
CA ASN A 236 11.30 -57.03 -17.19
C ASN A 236 9.87 -56.87 -17.69
N ARG A 237 9.13 -57.97 -17.73
CA ARG A 237 7.77 -57.97 -18.18
C ARG A 237 6.84 -57.51 -17.07
N LEU A 238 7.23 -57.78 -15.81
CA LEU A 238 6.40 -57.35 -14.69
C LEU A 238 6.31 -55.85 -14.69
N GLN A 239 7.44 -55.24 -14.97
CA GLN A 239 7.55 -53.81 -14.98
C GLN A 239 6.95 -53.24 -16.23
N ASP A 240 7.29 -53.81 -17.38
CA ASP A 240 6.73 -53.30 -18.60
C ASP A 240 5.22 -53.35 -18.52
N SER A 241 4.69 -54.46 -18.02
CA SER A 241 3.27 -54.64 -17.89
C SER A 241 2.67 -53.64 -16.95
N ALA A 242 3.26 -53.51 -15.75
CA ALA A 242 2.72 -52.58 -14.78
C ALA A 242 2.69 -51.20 -15.36
N MET A 243 3.73 -50.83 -16.08
CA MET A 243 3.82 -49.51 -16.65
C MET A 243 2.85 -49.35 -17.81
N LYS A 244 2.63 -50.41 -18.59
CA LYS A 244 1.66 -50.34 -19.68
C LYS A 244 0.31 -50.08 -19.09
N LEU A 245 0.05 -50.68 -17.94
CA LEU A 245 -1.19 -50.49 -17.25
C LEU A 245 -1.26 -49.09 -16.68
N VAL A 246 -0.18 -48.61 -16.08
CA VAL A 246 -0.22 -47.25 -15.57
C VAL A 246 -0.52 -46.31 -16.75
N HIS A 247 0.13 -46.59 -17.90
CA HIS A 247 -0.12 -45.81 -19.11
C HIS A 247 -1.58 -45.91 -19.48
N ALA A 248 -2.17 -47.10 -19.35
CA ALA A 248 -3.57 -47.31 -19.66
C ALA A 248 -4.43 -46.39 -18.81
N GLU A 249 -4.12 -46.29 -17.52
CA GLU A 249 -4.86 -45.43 -16.63
C GLU A 249 -4.76 -43.99 -17.09
N ARG A 250 -3.60 -43.62 -17.61
CA ARG A 250 -3.34 -42.28 -18.10
C ARG A 250 -4.03 -42.05 -19.47
N LEU A 251 -4.09 -43.09 -20.30
CA LEU A 251 -4.75 -43.00 -21.60
C LEU A 251 -6.24 -42.82 -21.44
N GLY A 252 -6.77 -43.42 -20.39
CA GLY A 252 -8.20 -43.41 -20.10
C GLY A 252 -8.68 -44.85 -19.99
N GLU A 253 -7.78 -45.76 -20.28
CA GLU A 253 -8.06 -47.17 -20.23
C GLU A 253 -7.90 -47.64 -18.79
N ALA A 254 -8.88 -47.29 -17.98
CA ALA A 254 -8.78 -47.48 -16.53
C ALA A 254 -8.84 -48.94 -16.12
N PHE A 255 -7.75 -49.63 -16.37
CA PHE A 255 -7.60 -51.02 -16.03
C PHE A 255 -7.83 -51.18 -14.54
N ASP A 256 -8.18 -52.36 -14.09
CA ASP A 256 -8.36 -52.55 -12.66
C ASP A 256 -7.08 -52.19 -11.95
N SER A 257 -7.10 -51.03 -11.30
CA SER A 257 -5.94 -50.45 -10.63
C SER A 257 -5.11 -51.46 -9.87
N GLN A 258 -5.75 -52.51 -9.36
CA GLN A 258 -5.10 -53.50 -8.53
C GLN A 258 -3.92 -54.17 -9.21
N LEU A 259 -3.94 -54.28 -10.53
CA LEU A 259 -2.84 -54.95 -11.22
C LEU A 259 -1.50 -54.23 -10.96
N VAL A 260 -1.51 -52.92 -11.09
CA VAL A 260 -0.31 -52.14 -10.86
C VAL A 260 -0.06 -52.01 -9.40
N ILE A 261 -1.13 -51.82 -8.63
CA ILE A 261 -0.98 -51.68 -7.19
C ILE A 261 -0.30 -52.91 -6.66
N GLY A 262 -0.79 -54.07 -7.08
CA GLY A 262 -0.24 -55.34 -6.69
C GLY A 262 1.24 -55.39 -6.98
N VAL A 263 1.62 -55.00 -8.21
CA VAL A 263 3.02 -54.98 -8.55
C VAL A 263 3.80 -54.07 -7.62
N ARG A 264 3.27 -52.89 -7.36
CA ARG A 264 3.93 -51.97 -6.45
C ARG A 264 4.05 -52.56 -5.06
N GLU A 265 2.99 -53.24 -4.58
CA GLU A 265 3.02 -53.82 -3.25
C GLU A 265 4.17 -54.79 -3.18
N SER A 266 4.36 -55.54 -4.26
CA SER A 266 5.44 -56.49 -4.34
C SER A 266 6.78 -55.76 -4.30
N TYR A 267 6.95 -54.74 -5.15
CA TYR A 267 8.20 -53.98 -5.12
C TYR A 267 8.55 -53.57 -3.69
N VAL A 268 7.56 -52.98 -3.00
CA VAL A 268 7.71 -52.49 -1.63
C VAL A 268 8.01 -53.59 -0.62
N ASN A 269 7.22 -54.63 -0.63
CA ASN A 269 7.37 -55.70 0.31
C ASN A 269 8.70 -56.42 0.11
N LEU A 270 9.12 -56.57 -1.14
CA LEU A 270 10.40 -57.20 -1.45
C LEU A 270 11.53 -56.41 -0.83
N CYS A 271 11.39 -55.09 -0.80
CA CYS A 271 12.41 -54.24 -0.18
C CYS A 271 12.00 -53.78 1.19
N SER A 272 11.11 -54.54 1.86
CA SER A 272 10.64 -54.22 3.22
C SER A 272 11.77 -54.19 4.25
N ASN A 273 12.96 -54.61 3.85
CA ASN A 273 14.12 -54.59 4.74
C ASN A 273 14.23 -53.23 5.41
N PRO A 274 14.06 -53.17 6.76
CA PRO A 274 14.00 -51.95 7.55
C PRO A 274 15.09 -50.92 7.24
N GLU A 275 16.21 -51.36 6.65
CA GLU A 275 17.30 -50.44 6.37
C GLU A 275 16.88 -49.46 5.27
N ASP A 276 16.03 -49.92 4.37
CA ASP A 276 15.51 -49.15 3.27
C ASP A 276 14.28 -49.80 2.72
N LYS A 277 13.17 -49.57 3.41
CA LYS A 277 11.92 -50.25 3.15
C LYS A 277 11.39 -49.99 1.74
N LEU A 278 11.94 -48.99 1.07
CA LEU A 278 11.46 -48.64 -0.25
C LEU A 278 12.54 -48.74 -1.30
N GLN A 279 13.62 -49.47 -1.01
CA GLN A 279 14.68 -49.55 -1.98
C GLN A 279 14.18 -49.89 -3.38
N ILE A 280 13.60 -51.08 -3.53
CA ILE A 280 13.11 -51.48 -4.83
C ILE A 280 12.01 -50.59 -5.31
N TYR A 281 11.07 -50.32 -4.44
CA TYR A 281 9.97 -49.49 -4.84
C TYR A 281 10.41 -48.17 -5.38
N ARG A 282 11.17 -47.46 -4.64
CA ARG A 282 11.60 -46.17 -5.07
C ARG A 282 12.54 -46.26 -6.25
N ASP A 283 13.61 -47.02 -6.08
CA ASP A 283 14.65 -47.09 -7.09
C ASP A 283 14.13 -47.65 -8.40
N ASN A 284 13.19 -48.58 -8.33
CA ASN A 284 12.67 -49.20 -9.52
C ASN A 284 11.22 -48.83 -9.82
N PHE A 285 10.33 -48.85 -8.82
CA PHE A 285 8.93 -48.59 -9.14
C PHE A 285 8.70 -47.14 -9.42
N GLU A 286 9.12 -46.27 -8.49
CA GLU A 286 8.93 -44.85 -8.70
C GLU A 286 9.69 -44.43 -9.88
N LYS A 287 10.92 -44.91 -9.98
CA LYS A 287 11.70 -44.68 -11.16
C LYS A 287 10.87 -44.97 -12.39
N ALA A 288 10.43 -46.22 -12.51
CA ALA A 288 9.67 -46.66 -13.66
C ALA A 288 8.41 -45.85 -13.79
N TYR A 289 7.81 -45.52 -12.67
CA TYR A 289 6.60 -44.77 -12.67
C TYR A 289 6.85 -43.49 -13.39
N LEU A 290 7.92 -42.80 -13.01
CA LEU A 290 8.30 -41.57 -13.65
C LEU A 290 8.70 -41.78 -15.07
N ASP A 291 9.40 -42.86 -15.35
CA ASP A 291 9.79 -43.10 -16.72
C ASP A 291 8.55 -43.12 -17.56
N SER A 292 7.51 -43.77 -17.05
CA SER A 292 6.26 -43.87 -17.74
C SER A 292 5.44 -42.60 -17.61
N THR A 293 5.61 -41.87 -16.53
CA THR A 293 4.83 -40.67 -16.29
C THR A 293 5.30 -39.61 -17.19
N GLU A 294 6.57 -39.34 -17.10
CA GLU A 294 7.13 -38.32 -17.87
C GLU A 294 7.03 -38.69 -19.32
N ARG A 295 7.33 -39.94 -19.67
CA ARG A 295 7.25 -40.32 -21.05
C ARG A 295 5.85 -40.13 -21.58
N PHE A 296 4.86 -40.61 -20.81
CA PHE A 296 3.49 -40.50 -21.22
C PHE A 296 3.12 -39.08 -21.45
N TYR A 297 3.37 -38.25 -20.47
CA TYR A 297 2.94 -36.89 -20.53
C TYR A 297 3.89 -36.04 -21.35
N ARG A 298 5.16 -36.39 -21.39
CA ARG A 298 6.04 -35.62 -22.24
C ARG A 298 5.58 -35.78 -23.67
N THR A 299 4.88 -36.89 -23.94
CA THR A 299 4.29 -37.11 -25.23
C THR A 299 2.90 -36.43 -25.32
N GLN A 300 2.04 -36.71 -24.33
CA GLN A 300 0.65 -36.25 -24.36
C GLN A 300 0.44 -34.81 -23.95
N ALA A 301 1.19 -34.35 -22.98
CA ALA A 301 1.04 -32.98 -22.52
C ALA A 301 1.24 -32.02 -23.72
N PRO A 302 2.15 -32.36 -24.70
CA PRO A 302 2.31 -31.55 -25.87
C PRO A 302 1.24 -31.82 -26.87
N SER A 303 0.86 -33.08 -27.01
CA SER A 303 -0.21 -33.41 -27.95
C SER A 303 -1.44 -32.58 -27.59
N TYR A 304 -1.69 -32.43 -26.30
CA TYR A 304 -2.80 -31.64 -25.82
C TYR A 304 -2.66 -30.22 -26.28
N LEU A 305 -1.64 -29.53 -25.76
CA LEU A 305 -1.42 -28.12 -26.06
C LEU A 305 -1.34 -27.85 -27.55
N GLN A 306 -0.81 -28.80 -28.30
CA GLN A 306 -0.64 -28.67 -29.74
C GLN A 306 -1.86 -28.06 -30.40
N GLN A 307 -3.04 -28.45 -29.94
CA GLN A 307 -4.29 -27.97 -30.51
C GLN A 307 -5.09 -27.16 -29.49
N ASN A 308 -4.83 -27.41 -28.21
CA ASN A 308 -5.57 -26.77 -27.14
C ASN A 308 -4.97 -25.42 -26.79
N GLY A 309 -5.79 -24.54 -26.25
CA GLY A 309 -5.27 -23.27 -25.80
C GLY A 309 -4.43 -23.48 -24.57
N VAL A 310 -3.72 -22.45 -24.16
CA VAL A 310 -2.87 -22.56 -22.99
C VAL A 310 -3.68 -22.88 -21.76
N GLN A 311 -4.79 -22.19 -21.57
CA GLN A 311 -5.62 -22.42 -20.41
C GLN A 311 -6.17 -23.82 -20.42
N ASN A 312 -6.48 -24.34 -21.60
CA ASN A 312 -7.02 -25.67 -21.71
C ASN A 312 -5.99 -26.66 -21.22
N TYR A 313 -4.78 -26.48 -21.70
CA TYR A 313 -3.70 -27.32 -21.26
C TYR A 313 -3.50 -27.20 -19.78
N MET A 314 -3.43 -25.97 -19.27
CA MET A 314 -3.23 -25.73 -17.86
C MET A 314 -4.25 -26.48 -17.03
N LYS A 315 -5.48 -26.46 -17.49
CA LYS A 315 -6.52 -27.18 -16.82
C LYS A 315 -6.25 -28.65 -16.92
N TYR A 316 -5.84 -29.10 -18.10
CA TYR A 316 -5.58 -30.50 -18.29
C TYR A 316 -4.43 -30.87 -17.44
N ALA A 317 -3.45 -30.02 -17.41
CA ALA A 317 -2.23 -30.26 -16.68
C ALA A 317 -2.53 -30.43 -15.23
N ASP A 318 -3.29 -29.52 -14.68
CA ASP A 318 -3.60 -29.62 -13.29
C ASP A 318 -4.44 -30.83 -13.05
N ALA A 319 -5.32 -31.14 -14.00
CA ALA A 319 -6.14 -32.30 -13.89
C ALA A 319 -5.27 -33.53 -13.87
N LYS A 320 -4.28 -33.56 -14.77
CA LYS A 320 -3.36 -34.67 -14.83
C LYS A 320 -2.70 -34.82 -13.50
N LEU A 321 -2.28 -33.70 -12.91
CA LEU A 321 -1.60 -33.74 -11.64
C LEU A 321 -2.50 -34.32 -10.58
N LYS A 322 -3.77 -33.93 -10.59
CA LYS A 322 -4.69 -34.48 -9.62
C LYS A 322 -4.84 -35.96 -9.84
N GLU A 323 -4.90 -36.37 -11.09
CA GLU A 323 -5.03 -37.76 -11.41
C GLU A 323 -3.78 -38.49 -10.97
N GLU A 324 -2.63 -37.83 -11.11
CA GLU A 324 -1.38 -38.42 -10.70
C GLU A 324 -1.34 -38.57 -9.21
N GLU A 325 -1.94 -37.63 -8.48
CA GLU A 325 -2.01 -37.75 -7.05
C GLU A 325 -2.81 -38.99 -6.70
N LYS A 326 -3.87 -39.23 -7.46
CA LYS A 326 -4.69 -40.40 -7.23
C LYS A 326 -3.89 -41.65 -7.57
N ARG A 327 -3.17 -41.61 -8.68
CA ARG A 327 -2.33 -42.73 -9.08
C ARG A 327 -1.24 -42.92 -8.06
N ALA A 328 -0.81 -41.83 -7.44
CA ALA A 328 0.20 -41.89 -6.42
C ALA A 328 -0.37 -42.60 -5.21
N LEU A 329 -1.61 -42.33 -4.90
CA LEU A 329 -2.24 -42.98 -3.79
C LEU A 329 -2.48 -44.46 -4.10
N ARG A 330 -2.66 -44.77 -5.39
CA ARG A 330 -2.92 -46.12 -5.85
C ARG A 330 -1.66 -46.85 -6.29
N TYR A 331 -1.15 -46.50 -7.45
CA TYR A 331 -0.02 -47.16 -8.04
C TYR A 331 1.20 -47.01 -7.16
N LEU A 332 1.38 -45.82 -6.59
CA LEU A 332 2.51 -45.58 -5.71
C LEU A 332 2.16 -45.88 -4.25
N GLU A 333 3.14 -45.77 -3.36
CA GLU A 333 2.97 -46.18 -1.98
C GLU A 333 2.35 -45.10 -1.12
N THR A 334 1.58 -45.52 -0.08
CA THR A 334 0.95 -44.60 0.87
C THR A 334 1.22 -45.02 2.31
N ARG A 335 1.79 -46.20 2.49
CA ARG A 335 2.02 -46.78 3.81
C ARG A 335 2.72 -45.79 4.76
N ARG A 336 3.67 -45.03 4.24
CA ARG A 336 4.43 -44.07 5.02
C ARG A 336 4.53 -42.74 4.31
N GLU A 337 5.20 -41.77 4.93
CA GLU A 337 5.29 -40.44 4.35
C GLU A 337 5.91 -40.44 2.95
N CYS A 338 6.74 -41.46 2.66
CA CYS A 338 7.40 -41.65 1.36
C CYS A 338 8.35 -40.50 0.97
N ASN A 339 7.83 -39.28 0.92
CA ASN A 339 8.59 -38.05 0.60
C ASN A 339 8.95 -37.98 -0.87
N SER A 340 9.64 -38.99 -1.35
CA SER A 340 10.01 -39.03 -2.75
C SER A 340 8.76 -39.01 -3.61
N VAL A 341 7.64 -39.49 -3.06
CA VAL A 341 6.39 -39.48 -3.78
C VAL A 341 5.99 -38.05 -4.13
N GLU A 342 6.41 -37.10 -3.31
CA GLU A 342 6.12 -35.73 -3.56
C GLU A 342 7.02 -35.28 -4.65
N ALA A 343 8.26 -35.78 -4.62
CA ALA A 343 9.21 -35.46 -5.64
C ALA A 343 8.68 -35.92 -6.97
N LEU A 344 7.99 -37.06 -6.98
CA LEU A 344 7.41 -37.56 -8.21
C LEU A 344 6.38 -36.59 -8.72
N MET A 345 5.60 -36.02 -7.83
CA MET A 345 4.64 -35.03 -8.25
C MET A 345 5.39 -33.81 -8.76
N GLU A 346 6.51 -33.49 -8.13
CA GLU A 346 7.32 -32.37 -8.56
C GLU A 346 7.88 -32.65 -9.94
N CYS A 347 8.18 -33.92 -10.21
CA CYS A 347 8.70 -34.32 -11.49
C CYS A 347 7.63 -34.12 -12.53
N CYS A 348 6.41 -34.52 -12.22
CA CYS A 348 5.31 -34.32 -13.13
C CYS A 348 5.22 -32.84 -13.48
N VAL A 349 5.31 -32.01 -12.46
CA VAL A 349 5.25 -30.61 -12.67
C VAL A 349 6.40 -30.16 -13.52
N ASN A 350 7.60 -30.52 -13.15
CA ASN A 350 8.76 -30.06 -13.87
C ASN A 350 8.77 -30.52 -15.32
N ALA A 351 8.61 -31.81 -15.50
CA ALA A 351 8.64 -32.40 -16.81
C ALA A 351 7.58 -31.81 -17.71
N LEU A 352 6.43 -31.56 -17.14
CA LEU A 352 5.31 -31.15 -17.92
C LEU A 352 5.00 -29.70 -17.75
N VAL A 353 4.69 -29.32 -16.53
CA VAL A 353 4.18 -28.00 -16.27
C VAL A 353 5.26 -26.91 -16.34
N THR A 354 6.40 -27.15 -15.70
CA THR A 354 7.48 -26.18 -15.69
C THR A 354 7.97 -26.01 -17.09
N SER A 355 8.17 -27.09 -17.80
CA SER A 355 8.54 -27.00 -19.19
C SER A 355 7.57 -26.06 -19.92
N PHE A 356 6.27 -26.31 -19.76
CA PHE A 356 5.24 -25.51 -20.41
C PHE A 356 5.15 -24.09 -19.84
N LYS A 357 5.59 -23.92 -18.59
CA LYS A 357 5.63 -22.63 -17.90
C LYS A 357 6.19 -21.53 -18.78
N GLU A 358 7.14 -21.91 -19.65
CA GLU A 358 7.81 -20.95 -20.53
C GLU A 358 6.82 -20.17 -21.38
N THR A 359 5.64 -20.73 -21.57
CA THR A 359 4.60 -20.08 -22.35
C THR A 359 3.49 -19.59 -21.43
N ILE A 360 3.28 -20.31 -20.32
CA ILE A 360 2.22 -19.98 -19.38
C ILE A 360 2.43 -18.59 -18.81
N LEU A 361 3.67 -18.23 -18.55
CA LEU A 361 3.94 -16.90 -18.03
C LEU A 361 3.50 -15.81 -19.02
N ALA A 362 3.55 -16.08 -20.32
CA ALA A 362 3.11 -15.08 -21.29
C ALA A 362 1.63 -14.87 -21.09
N GLU A 363 0.95 -15.98 -20.81
CA GLU A 363 -0.47 -15.96 -20.54
C GLU A 363 -0.73 -15.15 -19.29
N CYS A 364 0.16 -15.28 -18.28
CA CYS A 364 0.03 -14.51 -17.04
C CYS A 364 -0.12 -13.05 -17.32
N GLN A 365 0.81 -12.52 -18.11
CA GLN A 365 0.84 -11.11 -18.37
C GLN A 365 -0.46 -10.66 -19.03
N GLY A 366 -0.95 -11.48 -19.96
CA GLY A 366 -2.19 -11.17 -20.66
C GLY A 366 -3.38 -11.15 -19.69
N MET A 367 -3.44 -12.15 -18.81
CA MET A 367 -4.55 -12.26 -17.89
C MET A 367 -4.54 -11.11 -16.91
N ILE A 368 -3.35 -10.65 -16.54
CA ILE A 368 -3.25 -9.50 -15.64
C ILE A 368 -3.85 -8.28 -16.31
N LYS A 369 -3.46 -8.05 -17.56
CA LYS A 369 -3.96 -6.90 -18.32
C LYS A 369 -5.47 -6.90 -18.43
N ARG A 370 -6.07 -8.08 -18.49
CA ARG A 370 -7.51 -8.20 -18.65
C ARG A 370 -8.22 -8.50 -17.33
N ASN A 371 -7.47 -8.52 -16.24
CA ASN A 371 -8.02 -8.86 -14.93
C ASN A 371 -8.79 -10.18 -14.99
N GLU A 372 -8.28 -11.13 -15.78
CA GLU A 372 -8.90 -12.44 -15.91
C GLU A 372 -8.51 -13.27 -14.74
N THR A 373 -9.11 -12.96 -13.60
CA THR A 373 -8.68 -13.53 -12.35
C THR A 373 -8.85 -15.01 -12.26
N GLU A 374 -9.83 -15.57 -12.96
CA GLU A 374 -10.06 -17.01 -12.91
C GLU A 374 -8.98 -17.76 -13.63
N LYS A 375 -8.60 -17.25 -14.77
CA LYS A 375 -7.61 -17.89 -15.60
C LYS A 375 -6.26 -17.75 -14.91
N LEU A 376 -6.05 -16.59 -14.34
CA LEU A 376 -4.85 -16.29 -13.66
C LEU A 376 -4.81 -17.03 -12.32
N HIS A 377 -5.99 -17.25 -11.71
CA HIS A 377 -6.13 -18.01 -10.45
C HIS A 377 -5.62 -19.42 -10.66
N LEU A 378 -6.08 -20.06 -11.73
CA LEU A 378 -5.60 -21.36 -12.09
C LEU A 378 -4.09 -21.32 -12.22
N MET A 379 -3.61 -20.33 -12.97
CA MET A 379 -2.20 -20.18 -13.19
C MET A 379 -1.44 -20.03 -11.91
N PHE A 380 -1.96 -19.23 -10.99
CA PHE A 380 -1.32 -19.06 -9.71
C PHE A 380 -1.04 -20.39 -9.08
N SER A 381 -2.07 -21.23 -9.00
CA SER A 381 -1.91 -22.51 -8.35
C SER A 381 -0.94 -23.40 -9.09
N LEU A 382 -1.08 -23.44 -10.42
CA LEU A 382 -0.27 -24.31 -11.25
C LEU A 382 1.19 -23.87 -11.21
N MET A 383 1.41 -22.57 -11.34
CA MET A 383 2.73 -21.98 -11.34
C MET A 383 3.35 -21.98 -9.95
N ASP A 384 2.51 -22.04 -8.91
CA ASP A 384 3.02 -22.13 -7.55
C ASP A 384 3.70 -23.46 -7.39
N LYS A 385 3.12 -24.48 -8.01
CA LYS A 385 3.70 -25.81 -8.01
C LYS A 385 5.05 -25.75 -8.75
N VAL A 386 5.10 -24.93 -9.82
CA VAL A 386 6.32 -24.74 -10.58
C VAL A 386 7.33 -23.88 -9.80
N PRO A 387 8.48 -24.47 -9.42
CA PRO A 387 9.51 -23.85 -8.58
C PRO A 387 10.00 -22.51 -9.12
N ASN A 388 9.78 -22.26 -10.40
CA ASN A 388 10.23 -21.04 -11.04
C ASN A 388 9.17 -20.42 -11.95
N GLY A 389 7.90 -20.59 -11.59
CA GLY A 389 6.77 -20.04 -12.36
C GLY A 389 6.16 -18.85 -11.62
N ILE A 390 5.61 -19.12 -10.45
CA ILE A 390 4.92 -18.13 -9.66
C ILE A 390 5.78 -16.90 -9.32
N GLU A 391 7.09 -17.11 -9.21
CA GLU A 391 7.94 -16.00 -8.88
C GLU A 391 7.98 -14.96 -10.02
N PRO A 392 8.03 -15.41 -11.30
CA PRO A 392 7.93 -14.49 -12.40
C PRO A 392 6.59 -13.83 -12.45
N MET A 393 5.57 -14.51 -11.95
CA MET A 393 4.25 -13.94 -11.93
C MET A 393 4.23 -12.73 -10.99
N LEU A 394 5.00 -12.81 -9.90
CA LEU A 394 5.10 -11.68 -8.97
C LEU A 394 5.62 -10.49 -9.71
N LYS A 395 6.68 -10.72 -10.49
CA LYS A 395 7.28 -9.68 -11.30
C LYS A 395 6.25 -9.06 -12.23
N ASP A 396 5.55 -9.92 -12.97
CA ASP A 396 4.56 -9.44 -13.93
C ASP A 396 3.56 -8.53 -13.25
N LEU A 397 3.08 -8.92 -12.07
CA LEU A 397 2.13 -8.08 -11.36
C LEU A 397 2.74 -6.73 -11.04
N GLU A 398 3.90 -6.73 -10.46
CA GLU A 398 4.56 -5.50 -10.09
C GLU A 398 4.66 -4.56 -11.28
N GLU A 399 5.07 -5.12 -12.42
CA GLU A 399 5.29 -4.37 -13.65
C GLU A 399 4.04 -3.68 -14.13
N HIS A 400 2.93 -4.40 -14.12
CA HIS A 400 1.68 -3.86 -14.64
C HIS A 400 1.19 -2.75 -13.78
N ILE A 401 1.33 -2.88 -12.49
CA ILE A 401 0.87 -1.88 -11.58
C ILE A 401 1.65 -0.59 -11.75
N ILE A 402 2.97 -0.70 -11.80
CA ILE A 402 3.81 0.47 -11.96
C ILE A 402 3.49 1.12 -13.28
N SER A 403 3.39 0.30 -14.34
CA SER A 403 3.10 0.77 -15.66
C SER A 403 1.78 1.51 -15.67
N ALA A 404 0.79 0.98 -14.96
CA ALA A 404 -0.49 1.63 -14.87
C ALA A 404 -0.33 3.01 -14.27
N GLY A 405 0.54 3.12 -13.28
CA GLY A 405 0.81 4.41 -12.70
C GLY A 405 1.37 5.33 -13.75
N LEU A 406 2.41 4.89 -14.40
CA LEU A 406 3.06 5.67 -15.42
C LEU A 406 2.11 5.97 -16.59
N ALA A 407 1.12 5.10 -16.79
CA ALA A 407 0.15 5.24 -17.86
C ALA A 407 -1.15 5.90 -17.36
N ASP A 408 -2.01 5.09 -16.71
CA ASP A 408 -3.32 5.52 -16.25
C ASP A 408 -3.26 6.69 -15.27
N MET A 409 -2.40 6.61 -14.27
CA MET A 409 -2.34 7.66 -13.25
C MET A 409 -1.85 8.97 -13.84
N VAL A 410 -0.70 8.91 -14.50
CA VAL A 410 -0.11 10.11 -15.07
C VAL A 410 -1.02 10.74 -16.12
N ALA A 411 -1.59 9.91 -16.99
CA ALA A 411 -2.48 10.45 -18.00
C ALA A 411 -3.62 11.16 -17.35
N ALA A 412 -4.18 10.57 -16.30
CA ALA A 412 -5.27 11.19 -15.61
C ALA A 412 -4.83 12.55 -15.09
N ALA A 413 -3.72 12.59 -14.36
CA ALA A 413 -3.23 13.82 -13.72
C ALA A 413 -3.18 14.98 -14.73
N GLU A 414 -2.74 14.68 -15.95
CA GLU A 414 -2.64 15.69 -16.99
C GLU A 414 -4.01 16.22 -17.44
N THR A 415 -5.02 15.35 -17.45
CA THR A 415 -6.37 15.74 -17.87
C THR A 415 -7.12 16.35 -16.70
N ILE A 416 -6.70 16.00 -15.50
CA ILE A 416 -7.33 16.43 -14.29
C ILE A 416 -7.18 17.88 -13.96
N THR A 417 -5.96 18.39 -13.91
CA THR A 417 -5.76 19.77 -13.50
C THR A 417 -6.35 20.01 -12.09
N THR A 418 -7.66 20.27 -12.04
CA THR A 418 -8.39 20.50 -10.78
C THR A 418 -9.36 19.34 -10.42
N ASP A 419 -9.58 18.41 -11.36
CA ASP A 419 -10.58 17.33 -11.17
C ASP A 419 -10.15 16.29 -10.15
N SER A 420 -10.34 16.64 -8.90
CA SER A 420 -9.95 15.83 -7.78
C SER A 420 -10.55 14.47 -7.73
N GLU A 421 -11.78 14.36 -8.22
CA GLU A 421 -12.46 13.10 -8.16
C GLU A 421 -11.73 12.11 -9.00
N LYS A 422 -11.38 12.50 -10.21
CA LYS A 422 -10.68 11.61 -11.12
C LYS A 422 -9.30 11.27 -10.60
N TYR A 423 -8.60 12.24 -10.02
CA TYR A 423 -7.25 11.97 -9.52
C TYR A 423 -7.32 10.90 -8.47
N VAL A 424 -8.19 11.16 -7.52
CA VAL A 424 -8.43 10.30 -6.41
C VAL A 424 -8.89 8.95 -6.84
N GLU A 425 -9.94 8.90 -7.64
CA GLU A 425 -10.48 7.64 -8.05
C GLU A 425 -9.54 6.89 -8.95
N GLN A 426 -8.79 7.59 -9.81
CA GLN A 426 -7.90 6.88 -10.71
C GLN A 426 -6.86 6.15 -9.90
N LEU A 427 -6.30 6.83 -8.91
CA LEU A 427 -5.30 6.21 -8.06
C LEU A 427 -5.88 5.04 -7.35
N LEU A 428 -7.06 5.24 -6.82
CA LEU A 428 -7.72 4.26 -6.02
C LEU A 428 -8.31 3.16 -6.87
N THR A 429 -8.68 3.49 -8.11
CA THR A 429 -9.18 2.49 -9.03
C THR A 429 -8.10 1.52 -9.30
N LEU A 430 -6.89 2.03 -9.54
CA LEU A 430 -5.77 1.18 -9.79
C LEU A 430 -5.49 0.33 -8.58
N PHE A 431 -5.46 0.95 -7.40
CA PHE A 431 -5.21 0.17 -6.20
C PHE A 431 -6.18 -0.99 -6.11
N ASN A 432 -7.47 -0.68 -6.24
CA ASN A 432 -8.53 -1.67 -6.08
C ASN A 432 -8.57 -2.69 -7.21
N ARG A 433 -8.26 -2.25 -8.42
CA ARG A 433 -8.27 -3.14 -9.56
C ARG A 433 -7.25 -4.22 -9.33
N PHE A 434 -6.07 -3.80 -8.92
CA PHE A 434 -4.99 -4.73 -8.68
C PHE A 434 -5.16 -5.45 -7.34
N SER A 435 -5.79 -4.80 -6.37
CA SER A 435 -6.02 -5.45 -5.09
C SER A 435 -6.88 -6.64 -5.33
N LYS A 436 -7.97 -6.44 -6.06
CA LYS A 436 -8.88 -7.49 -6.42
C LYS A 436 -8.15 -8.59 -7.15
N LEU A 437 -7.37 -8.19 -8.16
CA LEU A 437 -6.58 -9.15 -8.90
C LEU A 437 -5.83 -10.07 -7.95
N VAL A 438 -5.11 -9.48 -6.99
CA VAL A 438 -4.34 -10.27 -6.07
C VAL A 438 -5.19 -11.14 -5.20
N LYS A 439 -6.30 -10.60 -4.71
CA LYS A 439 -7.18 -11.34 -3.84
C LYS A 439 -7.73 -12.58 -4.53
N GLU A 440 -7.98 -12.47 -5.83
CA GLU A 440 -8.54 -13.57 -6.59
C GLU A 440 -7.48 -14.29 -7.43
N ALA A 441 -6.92 -13.58 -8.40
CA ALA A 441 -5.97 -14.16 -9.33
C ALA A 441 -4.80 -14.75 -8.60
N PHE A 442 -4.35 -14.06 -7.58
CA PHE A 442 -3.19 -14.52 -6.86
C PHE A 442 -3.52 -14.98 -5.45
N GLN A 443 -4.77 -15.39 -5.26
CA GLN A 443 -5.26 -16.00 -4.02
C GLN A 443 -4.84 -15.30 -2.73
N ASP A 444 -4.80 -13.97 -2.74
CA ASP A 444 -4.44 -13.19 -1.54
C ASP A 444 -3.09 -13.61 -0.96
N ASP A 445 -2.19 -14.05 -1.83
CA ASP A 445 -0.85 -14.48 -1.45
C ASP A 445 0.06 -13.27 -1.11
N PRO A 446 0.64 -13.22 0.12
CA PRO A 446 1.51 -12.17 0.64
C PRO A 446 2.59 -11.72 -0.34
N ARG A 447 3.04 -12.62 -1.21
CA ARG A 447 4.10 -12.26 -2.14
C ARG A 447 3.57 -11.34 -3.21
N PHE A 448 2.33 -11.57 -3.62
CA PHE A 448 1.70 -10.77 -4.64
C PHE A 448 1.16 -9.53 -4.03
N LEU A 449 0.73 -9.65 -2.77
CA LEU A 449 0.27 -8.49 -2.04
C LEU A 449 1.43 -7.53 -1.92
N THR A 450 2.63 -8.08 -1.66
CA THR A 450 3.84 -7.30 -1.58
C THR A 450 4.24 -6.73 -2.93
N ALA A 451 4.21 -7.55 -3.97
CA ALA A 451 4.54 -7.07 -5.31
C ALA A 451 3.66 -5.88 -5.66
N ARG A 452 2.38 -6.03 -5.34
CA ARG A 452 1.40 -4.99 -5.54
C ARG A 452 1.70 -3.77 -4.71
N ASP A 453 1.95 -3.99 -3.42
CA ASP A 453 2.22 -2.90 -2.48
C ASP A 453 3.35 -2.03 -2.99
N LYS A 454 4.46 -2.67 -3.38
CA LYS A 454 5.63 -1.97 -3.85
C LYS A 454 5.34 -1.25 -5.15
N ALA A 455 4.67 -1.94 -6.06
CA ALA A 455 4.39 -1.39 -7.35
C ALA A 455 3.48 -0.20 -7.26
N TYR A 456 2.45 -0.34 -6.45
CA TYR A 456 1.52 0.73 -6.27
C TYR A 456 2.19 1.89 -5.58
N LYS A 457 3.06 1.60 -4.60
CA LYS A 457 3.75 2.68 -3.94
C LYS A 457 4.40 3.55 -5.00
N ALA A 458 5.03 2.90 -5.99
CA ALA A 458 5.62 3.64 -7.09
C ALA A 458 4.55 4.42 -7.81
N VAL A 459 3.42 3.77 -8.14
CA VAL A 459 2.32 4.46 -8.82
C VAL A 459 2.05 5.79 -8.15
N VAL A 460 1.90 5.72 -6.84
CA VAL A 460 1.63 6.89 -6.05
C VAL A 460 2.75 7.91 -6.16
N ASN A 461 3.98 7.42 -6.15
CA ASN A 461 5.14 8.27 -6.21
C ASN A 461 5.69 8.42 -7.64
N ASP A 462 4.87 8.07 -8.64
CA ASP A 462 5.25 8.24 -10.05
C ASP A 462 4.69 9.54 -10.59
N LYS A 486 3.84 11.35 -7.63
CA LYS A 486 5.08 12.03 -7.27
C LYS A 486 4.81 13.47 -6.88
N CYS A 487 3.55 13.86 -6.94
CA CYS A 487 3.14 15.23 -6.61
C CYS A 487 1.98 15.29 -5.60
N PRO A 488 2.24 15.01 -4.30
CA PRO A 488 1.28 15.02 -3.23
C PRO A 488 0.62 16.38 -3.14
N GLU A 489 1.30 17.42 -3.67
CA GLU A 489 0.76 18.75 -3.66
C GLU A 489 -0.48 18.86 -4.49
N LEU A 490 -0.61 17.97 -5.48
CA LEU A 490 -1.76 17.96 -6.32
C LEU A 490 -2.82 17.23 -5.58
N LEU A 491 -2.42 16.12 -4.96
CA LEU A 491 -3.35 15.34 -4.19
C LEU A 491 -4.00 16.21 -3.12
N ALA A 492 -3.23 17.13 -2.55
CA ALA A 492 -3.72 18.08 -1.55
C ALA A 492 -4.74 19.01 -2.16
N ASN A 493 -4.43 19.53 -3.35
CA ASN A 493 -5.35 20.42 -4.04
C ASN A 493 -6.64 19.68 -4.29
N TYR A 494 -6.51 18.41 -4.60
CA TYR A 494 -7.62 17.59 -4.92
C TYR A 494 -8.47 17.28 -3.71
N CYS A 495 -7.81 17.00 -2.60
CA CYS A 495 -8.56 16.77 -1.40
C CYS A 495 -9.33 18.02 -1.04
N ASP A 496 -8.71 19.19 -1.23
CA ASP A 496 -9.41 20.44 -1.00
C ASP A 496 -10.66 20.50 -1.82
N MET A 497 -10.53 20.23 -3.13
CA MET A 497 -11.69 20.27 -4.04
C MET A 497 -12.82 19.41 -3.51
N LEU A 498 -12.48 18.23 -3.00
CA LEU A 498 -13.47 17.31 -2.44
C LEU A 498 -14.08 17.84 -1.15
N LEU A 499 -13.25 18.38 -0.28
CA LEU A 499 -13.65 18.84 1.04
C LEU A 499 -14.48 20.08 1.02
N ARG A 500 -14.15 21.00 0.14
CA ARG A 500 -14.82 22.27 0.06
C ARG A 500 -16.01 22.23 -0.85
N LYS A 501 -16.80 23.27 -0.81
CA LYS A 501 -18.00 23.35 -1.62
C LYS A 501 -17.73 23.74 -3.09
N THR A 502 -17.02 22.89 -3.82
CA THR A 502 -16.74 23.13 -5.25
C THR A 502 -17.84 22.58 -6.09
N PRO A 503 -17.96 23.01 -7.36
CA PRO A 503 -18.85 22.45 -8.35
C PRO A 503 -18.67 20.95 -8.42
N LEU A 504 -17.44 20.52 -8.16
CA LEU A 504 -17.10 19.11 -8.12
C LEU A 504 -17.80 18.47 -6.93
N SER A 505 -17.55 19.02 -5.73
CA SER A 505 -18.09 18.50 -4.49
C SER A 505 -19.61 18.58 -4.42
N LYS A 506 -20.19 19.52 -5.16
CA LYS A 506 -21.64 19.71 -5.17
C LYS A 506 -22.36 18.52 -5.80
N LYS A 507 -21.61 17.66 -6.50
CA LYS A 507 -22.18 16.50 -7.14
C LYS A 507 -22.08 15.28 -6.23
N LEU A 508 -21.44 15.46 -5.08
CA LEU A 508 -21.20 14.38 -4.16
C LEU A 508 -21.96 14.54 -2.88
N THR A 509 -22.42 13.44 -2.35
CA THR A 509 -23.03 13.42 -1.05
C THR A 509 -21.91 13.55 -0.04
N SER A 510 -22.14 14.27 1.03
CA SER A 510 -21.12 14.40 2.09
C SER A 510 -20.40 13.05 2.34
N GLU A 511 -21.18 11.97 2.33
CA GLU A 511 -20.68 10.63 2.58
C GLU A 511 -19.74 10.18 1.47
N GLU A 512 -20.03 10.58 0.23
CA GLU A 512 -19.23 10.22 -0.93
C GLU A 512 -17.92 10.96 -0.90
N ILE A 513 -17.97 12.19 -0.43
CA ILE A 513 -16.77 12.98 -0.34
C ILE A 513 -15.82 12.31 0.63
N GLU A 514 -16.36 11.97 1.81
CA GLU A 514 -15.56 11.29 2.81
C GLU A 514 -15.07 9.97 2.29
N ALA A 515 -15.97 9.21 1.64
CA ALA A 515 -15.62 7.89 1.14
C ALA A 515 -14.45 7.94 0.17
N LYS A 516 -14.46 8.93 -0.71
CA LYS A 516 -13.37 9.04 -1.67
C LYS A 516 -12.09 9.29 -0.95
N LEU A 517 -12.16 10.16 0.06
CA LEU A 517 -11.00 10.44 0.87
C LEU A 517 -10.59 9.19 1.64
N LYS A 518 -11.56 8.44 2.15
CA LYS A 518 -11.25 7.26 2.92
C LYS A 518 -10.40 6.35 2.09
N GLU A 519 -10.76 6.18 0.84
CA GLU A 519 -9.98 5.37 -0.02
C GLU A 519 -8.60 6.03 -0.26
N VAL A 520 -8.57 7.38 -0.40
CA VAL A 520 -7.30 8.12 -0.56
C VAL A 520 -6.31 7.82 0.53
N LEU A 521 -6.79 7.37 1.70
CA LEU A 521 -5.88 7.05 2.79
C LEU A 521 -4.74 6.21 2.28
N LEU A 522 -5.06 5.30 1.35
CA LEU A 522 -4.11 4.37 0.82
C LEU A 522 -3.03 5.10 0.10
N VAL A 523 -3.43 6.07 -0.69
CA VAL A 523 -2.51 6.80 -1.51
C VAL A 523 -1.52 7.50 -0.64
N LEU A 524 -2.02 8.18 0.38
CA LEU A 524 -1.16 8.92 1.25
C LEU A 524 -0.23 8.04 2.05
N LYS A 525 -0.68 6.84 2.41
CA LYS A 525 0.19 5.95 3.14
C LYS A 525 1.40 5.62 2.28
N TYR A 526 1.17 5.48 0.97
CA TYR A 526 2.22 5.20 0.02
C TYR A 526 3.09 6.42 -0.29
N VAL A 527 2.48 7.59 -0.33
CA VAL A 527 3.24 8.84 -0.55
C VAL A 527 4.36 8.99 0.43
N GLN A 528 5.58 9.18 -0.08
CA GLN A 528 6.70 9.37 0.81
C GLN A 528 6.70 10.76 1.41
N ASN A 529 6.57 11.76 0.56
CA ASN A 529 6.63 13.14 1.01
C ASN A 529 5.28 13.63 1.52
N LYS A 530 4.85 13.03 2.62
CA LYS A 530 3.55 13.28 3.24
C LYS A 530 3.38 14.74 3.63
N ASP A 531 4.48 15.36 4.03
CA ASP A 531 4.47 16.75 4.46
C ASP A 531 4.00 17.66 3.36
N VAL A 532 4.20 17.26 2.11
CA VAL A 532 3.82 18.10 0.99
C VAL A 532 2.33 18.18 0.93
N PHE A 533 1.70 17.02 0.97
CA PHE A 533 0.28 16.96 0.93
C PHE A 533 -0.32 17.80 2.02
N MET A 534 0.17 17.60 3.23
CA MET A 534 -0.38 18.28 4.39
C MET A 534 -0.14 19.76 4.39
N ARG A 535 1.01 20.18 3.86
CA ARG A 535 1.29 21.59 3.79
C ARG A 535 0.24 22.28 2.99
N TYR A 536 -0.03 21.73 1.82
CA TYR A 536 -0.99 22.32 0.91
C TYR A 536 -2.38 22.14 1.41
N HIS A 537 -2.67 21.01 2.03
CA HIS A 537 -3.99 20.77 2.55
C HIS A 537 -4.29 21.82 3.60
N LYS A 538 -3.39 21.95 4.55
CA LYS A 538 -3.53 22.91 5.61
C LYS A 538 -3.68 24.31 5.08
N ALA A 539 -2.88 24.65 4.06
CA ALA A 539 -3.01 25.97 3.47
C ALA A 539 -4.42 26.19 2.99
N HIS A 540 -4.99 25.15 2.38
CA HIS A 540 -6.33 25.22 1.89
C HIS A 540 -7.32 25.31 3.04
N LEU A 541 -7.11 24.51 4.10
CA LEU A 541 -8.00 24.54 5.24
C LEU A 541 -8.10 25.90 5.80
N THR A 542 -6.93 26.50 6.03
CA THR A 542 -6.86 27.82 6.58
C THR A 542 -7.84 28.69 5.84
N ARG A 543 -7.72 28.71 4.50
CA ARG A 543 -8.61 29.50 3.67
C ARG A 543 -10.05 29.08 3.83
N ARG A 544 -10.30 27.78 3.83
CA ARG A 544 -11.67 27.29 3.89
C ARG A 544 -12.37 27.80 5.13
N LEU A 545 -11.63 27.83 6.23
CA LEU A 545 -12.16 28.28 7.50
C LEU A 545 -12.29 29.80 7.59
N ILE A 546 -11.42 30.52 6.90
CA ILE A 546 -11.52 31.96 6.86
C ILE A 546 -12.78 32.36 6.12
N LEU A 547 -13.01 31.71 4.99
CA LEU A 547 -14.13 32.02 4.14
C LEU A 547 -15.38 31.19 4.42
N ASP A 548 -15.24 30.10 5.21
CA ASP A 548 -16.36 29.18 5.48
C ASP A 548 -16.94 28.64 4.18
N ILE A 549 -16.06 28.06 3.38
CA ILE A 549 -16.44 27.54 2.07
C ILE A 549 -16.29 26.02 1.99
N SER A 550 -16.39 25.36 3.15
CA SER A 550 -16.32 23.91 3.20
C SER A 550 -17.57 23.29 2.60
N ALA A 551 -17.52 22.03 2.21
CA ALA A 551 -18.71 21.35 1.72
C ALA A 551 -19.76 21.35 2.82
N ASP A 552 -19.28 21.14 4.02
CA ASP A 552 -20.09 21.15 5.22
C ASP A 552 -19.14 21.27 6.40
N SER A 553 -19.63 21.25 7.62
CA SER A 553 -18.71 21.33 8.75
C SER A 553 -18.04 19.99 9.04
N GLU A 554 -18.85 18.95 9.08
CA GLU A 554 -18.40 17.64 9.45
C GLU A 554 -17.29 17.10 8.57
N ILE A 555 -17.33 17.41 7.26
CA ILE A 555 -16.32 16.90 6.35
C ILE A 555 -14.95 17.39 6.73
N GLU A 556 -14.90 18.53 7.40
CA GLU A 556 -13.65 19.09 7.82
C GLU A 556 -13.14 18.31 8.99
N GLU A 557 -14.05 18.00 9.92
CA GLU A 557 -13.68 17.23 11.10
C GLU A 557 -13.23 15.86 10.66
N ASN A 558 -13.93 15.31 9.66
CA ASN A 558 -13.63 14.01 9.13
C ASN A 558 -12.27 14.03 8.52
N MET A 559 -11.96 15.08 7.76
CA MET A 559 -10.67 15.20 7.13
C MET A 559 -9.54 15.16 8.13
N VAL A 560 -9.71 15.84 9.25
CA VAL A 560 -8.65 15.86 10.26
C VAL A 560 -8.43 14.45 10.80
N GLU A 561 -9.53 13.77 11.13
CA GLU A 561 -9.44 12.41 11.65
C GLU A 561 -8.91 11.48 10.59
N TRP A 562 -9.27 11.76 9.36
CA TRP A 562 -8.86 11.01 8.21
C TRP A 562 -7.35 11.02 8.07
N LEU A 563 -6.74 12.20 8.25
CA LEU A 563 -5.29 12.30 8.15
C LEU A 563 -4.65 11.42 9.23
N ARG A 564 -5.24 11.41 10.42
CA ARG A 564 -4.79 10.53 11.49
C ARG A 564 -4.85 9.08 11.02
N GLU A 565 -5.95 8.72 10.33
CA GLU A 565 -6.12 7.37 9.80
C GLU A 565 -5.02 7.03 8.78
N VAL A 566 -4.54 8.03 8.03
CA VAL A 566 -3.44 7.81 7.10
C VAL A 566 -2.23 7.42 7.92
N GLY A 567 -2.06 8.13 9.02
CA GLY A 567 -0.94 7.94 9.91
C GLY A 567 0.00 9.10 9.73
N MET A 568 -0.55 10.24 9.33
CA MET A 568 0.23 11.43 9.08
C MET A 568 0.73 12.15 10.32
N PRO A 569 1.81 12.95 10.17
CA PRO A 569 2.46 13.74 11.19
C PRO A 569 1.52 14.66 11.92
N ALA A 570 1.50 14.46 13.24
CA ALA A 570 0.65 15.20 14.13
C ALA A 570 0.90 16.68 14.03
N ASP A 571 2.11 17.07 13.70
CA ASP A 571 2.41 18.48 13.60
C ASP A 571 1.40 19.19 12.70
N TYR A 572 1.09 18.58 11.57
CA TYR A 572 0.20 19.19 10.62
C TYR A 572 -1.19 18.95 10.99
N VAL A 573 -1.46 17.74 11.43
CA VAL A 573 -2.82 17.34 11.70
C VAL A 573 -3.35 18.13 12.89
N ASN A 574 -2.52 18.29 13.91
CA ASN A 574 -2.88 19.05 15.08
C ASN A 574 -3.15 20.47 14.68
N LYS A 575 -2.28 21.06 13.85
CA LYS A 575 -2.49 22.42 13.43
C LYS A 575 -3.80 22.59 12.71
N LEU A 576 -4.19 21.60 11.91
CA LEU A 576 -5.47 21.70 11.22
C LEU A 576 -6.55 21.80 12.28
N ALA A 577 -6.45 20.94 13.30
CA ALA A 577 -7.42 20.92 14.38
C ALA A 577 -7.47 22.27 15.07
N ARG A 578 -6.30 22.89 15.23
CA ARG A 578 -6.21 24.17 15.87
C ARG A 578 -6.94 25.20 15.05
N MET A 579 -6.87 25.08 13.72
CA MET A 579 -7.54 26.05 12.89
C MET A 579 -9.03 26.10 13.22
N PHE A 580 -9.60 24.95 13.52
CA PHE A 580 -11.02 24.92 13.84
C PHE A 580 -11.27 25.52 15.19
N GLN A 581 -10.39 25.22 16.15
CA GLN A 581 -10.53 25.74 17.49
C GLN A 581 -10.43 27.25 17.45
N ASP A 582 -9.54 27.75 16.60
CA ASP A 582 -9.36 29.17 16.45
C ASP A 582 -10.60 29.81 15.91
N ILE A 583 -11.26 29.16 14.93
CA ILE A 583 -12.48 29.73 14.41
C ILE A 583 -13.49 29.87 15.52
N LYS A 584 -13.57 28.87 16.39
CA LYS A 584 -14.47 28.94 17.53
C LYS A 584 -14.21 30.19 18.35
N VAL A 585 -12.95 30.40 18.73
CA VAL A 585 -12.57 31.55 19.53
C VAL A 585 -12.88 32.86 18.80
N SER A 586 -12.55 32.90 17.51
CA SER A 586 -12.78 34.06 16.70
C SER A 586 -14.25 34.39 16.67
N GLU A 587 -15.08 33.34 16.57
CA GLU A 587 -16.51 33.52 16.55
C GLU A 587 -17.05 33.99 17.89
N ASP A 588 -16.46 33.56 19.00
CA ASP A 588 -16.91 34.06 20.30
C ASP A 588 -16.81 35.58 20.28
N LEU A 589 -15.68 36.06 19.76
CA LEU A 589 -15.44 37.47 19.61
C LEU A 589 -16.42 38.10 18.64
N ASN A 590 -16.59 37.45 17.49
CA ASN A 590 -17.52 37.92 16.50
C ASN A 590 -18.86 38.20 17.12
N GLN A 591 -19.36 37.22 17.86
CA GLN A 591 -20.65 37.33 18.52
C GLN A 591 -20.69 38.54 19.40
N ALA A 592 -19.63 38.78 20.17
CA ALA A 592 -19.62 39.94 21.04
C ALA A 592 -19.91 41.19 20.23
N PHE A 593 -19.30 41.30 19.07
CA PHE A 593 -19.51 42.47 18.23
C PHE A 593 -20.90 42.54 17.68
N LYS A 594 -21.44 41.38 17.33
CA LYS A 594 -22.77 41.28 16.78
C LYS A 594 -23.80 41.76 17.80
N GLU A 595 -23.47 41.62 19.08
CA GLU A 595 -24.35 42.05 20.16
C GLU A 595 -24.09 43.51 20.61
N MET A 596 -22.83 43.94 20.57
CA MET A 596 -22.45 45.24 21.14
C MET A 596 -22.63 46.45 20.23
N HIS A 597 -22.26 46.34 18.94
CA HIS A 597 -22.26 47.53 18.05
C HIS A 597 -23.65 47.97 17.58
N LYS A 598 -24.44 48.46 18.53
CA LYS A 598 -25.80 48.89 18.23
C LYS A 598 -26.12 50.23 18.89
N ALA A 603 -22.00 52.55 13.23
CA ALA A 603 -21.66 52.46 11.83
C ALA A 603 -22.65 51.57 11.10
N LEU A 604 -23.00 50.46 11.74
CA LEU A 604 -23.95 49.52 11.16
C LEU A 604 -24.76 48.79 12.26
N PRO A 605 -25.80 48.05 11.88
CA PRO A 605 -26.57 47.25 12.81
C PRO A 605 -25.81 46.01 13.24
N ALA A 606 -24.89 46.18 14.22
CA ALA A 606 -23.98 45.12 14.68
C ALA A 606 -24.11 43.87 13.87
N ASP A 607 -24.88 42.89 14.38
CA ASP A 607 -25.20 41.61 13.72
C ASP A 607 -24.74 41.45 12.27
N SER A 608 -25.00 42.46 11.44
CA SER A 608 -24.64 42.46 10.03
C SER A 608 -23.16 42.11 9.80
N VAL A 609 -22.31 42.47 10.74
CA VAL A 609 -20.89 42.23 10.60
C VAL A 609 -20.47 40.98 11.34
N ASN A 610 -19.54 40.28 10.75
CA ASN A 610 -18.94 39.10 11.32
C ASN A 610 -17.44 39.29 11.37
N ILE A 611 -16.88 39.35 12.57
CA ILE A 611 -15.45 39.62 12.68
C ILE A 611 -14.67 38.46 13.21
N LYS A 612 -13.74 37.96 12.38
CA LYS A 612 -12.90 36.86 12.76
C LYS A 612 -11.50 37.30 13.04
N ILE A 613 -11.12 37.32 14.32
CA ILE A 613 -9.76 37.67 14.67
C ILE A 613 -8.98 36.40 14.94
N LEU A 614 -8.04 36.12 14.06
CA LEU A 614 -7.33 34.85 14.00
C LEU A 614 -5.91 34.92 14.59
N ASN A 615 -5.30 33.75 14.86
CA ASN A 615 -3.90 33.68 15.34
C ASN A 615 -2.90 33.90 14.20
N ALA A 616 -2.30 35.09 14.14
CA ALA A 616 -1.44 35.45 13.01
C ALA A 616 -0.32 34.46 12.78
N GLY A 617 0.21 33.88 13.85
CA GLY A 617 1.32 32.97 13.75
C GLY A 617 1.02 31.76 12.87
N ALA A 618 -0.25 31.47 12.63
CA ALA A 618 -0.65 30.35 11.80
C ALA A 618 -1.49 30.78 10.63
N TRP A 619 -2.42 31.69 10.88
CA TRP A 619 -3.38 32.08 9.86
C TRP A 619 -2.77 33.03 8.86
N SER A 620 -1.81 33.85 9.31
CA SER A 620 -1.20 34.78 8.41
C SER A 620 -0.16 34.04 7.63
N ARG A 621 -0.61 33.24 6.65
CA ARG A 621 0.29 32.36 5.92
C ARG A 621 1.51 33.08 5.34
N SER A 622 1.40 34.38 5.23
CA SER A 622 2.43 35.24 4.75
C SER A 622 2.20 36.60 5.35
N SER A 623 3.07 37.54 5.04
CA SER A 623 2.92 38.89 5.53
C SER A 623 2.07 39.74 4.57
N GLU A 624 1.44 39.07 3.58
CA GLU A 624 0.61 39.76 2.61
C GLU A 624 -0.65 40.34 3.24
N LYS A 625 -0.59 41.61 3.55
CA LYS A 625 -1.71 42.33 4.14
C LYS A 625 -2.08 43.51 3.26
N VAL A 626 -2.88 43.25 2.25
CA VAL A 626 -3.16 44.29 1.27
C VAL A 626 -4.16 45.26 1.82
N PHE A 627 -3.68 46.19 2.61
CA PHE A 627 -4.55 47.15 3.24
C PHE A 627 -5.41 47.84 2.24
N VAL A 628 -6.66 48.04 2.61
CA VAL A 628 -7.59 48.75 1.78
C VAL A 628 -8.41 49.69 2.62
N SER A 629 -8.64 50.90 2.13
CA SER A 629 -9.49 51.87 2.79
C SER A 629 -10.92 51.43 2.63
N LEU A 630 -11.64 51.37 3.72
CA LEU A 630 -12.98 50.85 3.68
C LEU A 630 -14.05 51.91 3.60
N PRO A 631 -15.30 51.48 3.37
CA PRO A 631 -16.47 52.31 3.42
C PRO A 631 -16.59 52.89 4.78
N THR A 632 -17.23 54.03 4.90
CA THR A 632 -17.45 54.66 6.18
C THR A 632 -18.06 53.68 7.17
N GLU A 633 -19.07 52.93 6.71
CA GLU A 633 -19.76 51.95 7.56
C GLU A 633 -18.79 50.96 8.20
N LEU A 634 -17.61 50.81 7.62
CA LEU A 634 -16.65 49.86 8.12
C LEU A 634 -15.52 50.60 8.84
N GLU A 635 -15.11 51.74 8.31
CA GLU A 635 -14.03 52.51 8.90
C GLU A 635 -14.43 53.02 10.27
N ASP A 636 -15.71 53.29 10.44
CA ASP A 636 -16.22 53.75 11.72
C ASP A 636 -16.50 52.59 12.67
N LEU A 637 -16.37 51.37 12.16
CA LEU A 637 -16.58 50.17 12.96
C LEU A 637 -15.29 49.67 13.51
N ILE A 638 -14.28 49.62 12.65
CA ILE A 638 -13.00 49.08 13.04
C ILE A 638 -12.44 49.64 14.35
N PRO A 639 -12.48 50.95 14.61
CA PRO A 639 -12.02 51.56 15.83
C PRO A 639 -12.66 50.92 17.04
N GLU A 640 -13.90 50.45 16.87
CA GLU A 640 -14.65 49.84 17.95
C GLU A 640 -14.22 48.42 18.08
N VAL A 641 -13.91 47.80 16.97
CA VAL A 641 -13.46 46.44 17.00
C VAL A 641 -12.17 46.41 17.75
N GLU A 642 -11.30 47.32 17.42
CA GLU A 642 -10.01 47.44 18.05
C GLU A 642 -10.20 47.79 19.52
N GLU A 643 -11.08 48.73 19.81
CA GLU A 643 -11.33 49.12 21.19
C GLU A 643 -11.76 47.93 22.02
N PHE A 644 -12.83 47.28 21.61
CA PHE A 644 -13.36 46.14 22.31
C PHE A 644 -12.33 45.06 22.42
N TYR A 645 -11.67 44.78 21.31
CA TYR A 645 -10.68 43.74 21.27
C TYR A 645 -9.66 43.98 22.34
N LYS A 646 -9.09 45.19 22.36
CA LYS A 646 -8.03 45.53 23.31
C LYS A 646 -8.50 45.42 24.75
N LYS A 647 -9.76 45.78 25.01
CA LYS A 647 -10.33 45.72 26.34
C LYS A 647 -10.45 44.30 26.87
N ASN A 648 -10.41 43.33 25.97
CA ASN A 648 -10.58 41.94 26.34
C ASN A 648 -9.34 41.11 26.00
N HIS A 649 -8.48 41.65 25.14
CA HIS A 649 -7.30 40.94 24.65
C HIS A 649 -6.06 41.79 24.84
N SER A 650 -5.76 42.12 26.08
CA SER A 650 -4.64 42.99 26.31
C SER A 650 -3.39 42.33 25.79
N GLY A 651 -2.45 43.15 25.33
CA GLY A 651 -1.19 42.63 24.84
C GLY A 651 -1.27 42.19 23.38
N ARG A 652 -2.49 42.12 22.82
CA ARG A 652 -2.65 41.65 21.44
C ARG A 652 -2.81 42.81 20.45
N LYS A 653 -2.55 42.51 19.17
CA LYS A 653 -2.64 43.49 18.07
C LYS A 653 -3.32 42.92 16.85
N LEU A 654 -4.29 43.64 16.31
CA LEU A 654 -4.99 43.16 15.13
C LEU A 654 -4.23 43.41 13.85
N HIS A 655 -4.42 42.52 12.90
CA HIS A 655 -3.87 42.64 11.57
C HIS A 655 -4.99 42.58 10.58
N TRP A 656 -5.43 43.74 10.17
CA TRP A 656 -6.61 43.83 9.35
C TRP A 656 -6.42 43.28 7.99
N HIS A 657 -6.67 41.98 7.88
CA HIS A 657 -6.43 41.27 6.68
C HIS A 657 -7.60 41.41 5.78
N HIS A 658 -7.79 42.63 5.33
CA HIS A 658 -8.94 42.97 4.54
C HIS A 658 -9.02 42.12 3.32
N LEU A 659 -7.89 41.69 2.81
CA LEU A 659 -7.85 40.88 1.60
C LEU A 659 -8.83 39.70 1.66
N MET A 660 -8.94 39.09 2.85
CA MET A 660 -9.78 37.92 3.02
C MET A 660 -11.14 38.27 3.54
N SER A 661 -11.40 39.55 3.67
CA SER A 661 -12.67 40.04 4.17
C SER A 661 -13.61 40.22 2.99
N ASN A 662 -14.90 40.01 3.21
CA ASN A 662 -15.90 40.25 2.16
C ASN A 662 -17.20 40.64 2.80
N GLY A 663 -18.22 40.92 2.00
CA GLY A 663 -19.49 41.33 2.58
C GLY A 663 -20.58 41.51 1.55
N ILE A 664 -21.74 41.98 2.01
CA ILE A 664 -22.88 42.17 1.17
C ILE A 664 -23.38 43.59 1.20
N ILE A 665 -23.63 44.13 0.04
CA ILE A 665 -24.19 45.45 -0.12
C ILE A 665 -25.40 45.44 -0.99
N THR A 666 -26.41 46.23 -0.65
CA THR A 666 -27.58 46.34 -1.49
C THR A 666 -27.32 47.34 -2.57
N PHE A 667 -27.30 46.86 -3.80
CA PHE A 667 -26.98 47.66 -4.94
C PHE A 667 -28.21 48.35 -5.50
N LYS A 668 -28.33 49.64 -5.23
CA LYS A 668 -29.48 50.40 -5.65
C LYS A 668 -29.29 50.89 -7.07
N ASN A 669 -30.23 50.50 -7.92
CA ASN A 669 -30.21 50.78 -9.34
C ASN A 669 -31.51 51.36 -9.80
N GLU A 670 -31.53 51.95 -10.98
CA GLU A 670 -32.78 52.46 -11.56
C GLU A 670 -33.74 51.31 -11.73
N VAL A 671 -33.18 50.15 -12.02
CA VAL A 671 -33.97 48.97 -12.26
C VAL A 671 -34.29 48.11 -11.01
N GLY A 672 -33.81 48.51 -9.82
CA GLY A 672 -34.12 47.70 -8.62
C GLY A 672 -33.01 47.66 -7.55
N GLN A 673 -33.10 46.68 -6.63
CA GLN A 673 -32.13 46.55 -5.54
C GLN A 673 -31.58 45.14 -5.43
N TYR A 674 -30.27 45.00 -5.63
CA TYR A 674 -29.66 43.68 -5.68
C TYR A 674 -28.50 43.56 -4.75
N ASP A 675 -28.56 42.59 -3.88
CA ASP A 675 -27.46 42.40 -2.98
C ASP A 675 -26.25 41.93 -3.75
N LEU A 676 -25.08 42.40 -3.36
CA LEU A 676 -23.89 41.94 -4.02
C LEU A 676 -23.00 41.28 -3.03
N GLU A 677 -22.50 40.11 -3.38
CA GLU A 677 -21.54 39.45 -2.52
C GLU A 677 -20.18 39.74 -3.09
N VAL A 678 -19.50 40.68 -2.47
CA VAL A 678 -18.26 41.19 -3.02
C VAL A 678 -17.16 41.22 -1.96
N THR A 679 -15.91 41.33 -2.39
CA THR A 679 -14.82 41.39 -1.43
C THR A 679 -14.81 42.74 -0.78
N THR A 680 -14.11 42.85 0.31
CA THR A 680 -13.96 44.11 0.99
C THR A 680 -13.39 45.16 0.08
N PHE A 681 -12.49 44.73 -0.78
CA PHE A 681 -11.86 45.60 -1.72
C PHE A 681 -12.87 46.10 -2.69
N GLN A 682 -13.74 45.20 -3.13
CA GLN A 682 -14.78 45.60 -4.01
C GLN A 682 -15.72 46.55 -3.29
N LEU A 683 -15.97 46.32 -1.99
CA LEU A 683 -16.84 47.21 -1.23
C LEU A 683 -16.26 48.62 -1.29
N ALA A 684 -14.94 48.71 -1.06
CA ALA A 684 -14.23 49.98 -1.11
C ALA A 684 -14.31 50.63 -2.48
N VAL A 685 -14.17 49.82 -3.53
CA VAL A 685 -14.28 50.37 -4.88
C VAL A 685 -15.65 50.97 -5.06
N LEU A 686 -16.64 50.18 -4.73
CA LEU A 686 -18.03 50.54 -4.93
C LEU A 686 -18.40 51.74 -4.06
N PHE A 687 -17.78 51.84 -2.88
CA PHE A 687 -18.00 52.96 -1.99
C PHE A 687 -17.85 54.27 -2.71
N ALA A 688 -16.98 54.31 -3.71
CA ALA A 688 -16.64 55.55 -4.38
C ALA A 688 -17.87 56.25 -4.91
N TRP A 689 -18.92 55.49 -5.23
CA TRP A 689 -20.12 56.05 -5.82
C TRP A 689 -21.34 56.00 -4.94
N ASN A 690 -21.18 55.76 -3.66
CA ASN A 690 -22.35 55.64 -2.80
C ASN A 690 -23.35 56.77 -2.95
N GLN A 691 -22.85 57.99 -3.07
CA GLN A 691 -23.70 59.17 -3.21
C GLN A 691 -23.64 59.78 -4.61
N ARG A 692 -23.11 59.03 -5.57
CA ARG A 692 -22.92 59.59 -6.92
C ARG A 692 -22.72 58.53 -8.01
N PRO A 693 -23.71 57.67 -8.26
CA PRO A 693 -23.64 56.54 -9.17
C PRO A 693 -23.32 56.91 -10.60
N ARG A 694 -23.65 58.13 -10.99
CA ARG A 694 -23.46 58.52 -12.37
C ARG A 694 -22.18 59.30 -12.58
N GLU A 695 -21.35 59.40 -11.56
CA GLU A 695 -20.07 60.07 -11.72
C GLU A 695 -19.01 59.08 -12.06
N LYS A 696 -18.13 59.45 -12.98
CA LYS A 696 -17.07 58.59 -13.41
C LYS A 696 -15.83 58.73 -12.54
N ILE A 697 -15.37 57.60 -12.00
CA ILE A 697 -14.20 57.58 -11.15
C ILE A 697 -13.10 56.81 -11.82
N SER A 698 -11.93 57.37 -11.97
CA SER A 698 -10.87 56.69 -12.68
C SER A 698 -10.32 55.53 -11.90
N PHE A 699 -9.66 54.61 -12.59
CA PHE A 699 -8.94 53.52 -11.97
C PHE A 699 -8.06 54.04 -10.89
N GLU A 700 -7.32 55.10 -11.20
CA GLU A 700 -6.44 55.70 -10.24
C GLU A 700 -7.21 56.30 -9.08
N ASN A 701 -8.31 56.98 -9.37
CA ASN A 701 -9.07 57.56 -8.28
C ASN A 701 -9.61 56.48 -7.38
N LEU A 702 -9.96 55.33 -7.96
CA LEU A 702 -10.43 54.22 -7.16
C LEU A 702 -9.29 53.67 -6.37
N LYS A 703 -8.14 53.57 -7.01
CA LYS A 703 -6.94 53.14 -6.34
C LYS A 703 -6.75 53.95 -5.09
N LEU A 704 -6.89 55.27 -5.23
CA LEU A 704 -6.71 56.18 -4.12
C LEU A 704 -7.82 56.04 -3.10
N ALA A 705 -9.06 55.92 -3.58
CA ALA A 705 -10.21 55.78 -2.71
C ALA A 705 -10.10 54.53 -1.88
N THR A 706 -9.51 53.50 -2.45
CA THR A 706 -9.36 52.22 -1.83
C THR A 706 -7.95 52.01 -1.26
N GLU A 707 -7.01 52.87 -1.65
CA GLU A 707 -5.62 52.74 -1.23
C GLU A 707 -5.07 51.35 -1.57
N LEU A 708 -5.38 50.89 -2.77
CA LEU A 708 -4.93 49.57 -3.23
C LEU A 708 -3.77 49.61 -4.19
N PRO A 709 -3.00 48.51 -4.28
CA PRO A 709 -2.00 48.26 -5.28
C PRO A 709 -2.69 47.91 -6.57
N ASP A 710 -2.02 48.15 -7.69
CA ASP A 710 -2.58 47.85 -8.98
C ASP A 710 -3.05 46.42 -9.11
N ALA A 711 -2.26 45.49 -8.61
CA ALA A 711 -2.59 44.08 -8.79
C ALA A 711 -3.97 43.75 -8.23
N GLU A 712 -4.17 44.03 -6.95
CA GLU A 712 -5.42 43.69 -6.31
C GLU A 712 -6.55 44.55 -6.81
N LEU A 713 -6.26 45.83 -7.02
CA LEU A 713 -7.27 46.73 -7.50
C LEU A 713 -7.83 46.21 -8.80
N ARG A 714 -6.94 45.88 -9.74
CA ARG A 714 -7.32 45.38 -11.04
C ARG A 714 -8.18 44.14 -10.95
N ARG A 715 -7.80 43.21 -10.07
CA ARG A 715 -8.55 41.98 -9.94
C ARG A 715 -9.97 42.23 -9.47
N THR A 716 -10.11 43.08 -8.46
CA THR A 716 -11.40 43.36 -7.88
C THR A 716 -12.27 44.17 -8.81
N LEU A 717 -11.63 45.08 -9.56
CA LEU A 717 -12.36 45.90 -10.52
C LEU A 717 -12.83 45.05 -11.64
N TRP A 718 -11.98 44.13 -12.08
CA TRP A 718 -12.29 43.27 -13.19
C TRP A 718 -13.53 42.53 -12.89
N SER A 719 -13.63 41.97 -11.71
CA SER A 719 -14.83 41.26 -11.35
C SER A 719 -16.01 42.22 -11.39
N LEU A 720 -15.84 43.40 -10.81
CA LEU A 720 -16.93 44.35 -10.78
C LEU A 720 -17.40 44.74 -12.19
N VAL A 721 -16.50 44.68 -13.18
CA VAL A 721 -16.87 45.05 -14.55
C VAL A 721 -16.81 43.87 -15.51
N ALA A 722 -16.51 42.67 -15.01
CA ALA A 722 -16.36 41.52 -15.90
C ALA A 722 -16.43 40.17 -15.17
N PHE A 723 -17.14 40.10 -14.05
CA PHE A 723 -17.28 38.83 -13.35
C PHE A 723 -18.07 37.81 -14.22
N PRO A 724 -17.60 36.56 -14.29
CA PRO A 724 -18.18 35.49 -15.05
C PRO A 724 -19.60 35.19 -14.68
N LYS A 725 -20.33 34.68 -15.66
CA LYS A 725 -21.70 34.24 -15.53
C LYS A 725 -22.69 35.37 -15.26
N LEU A 726 -22.25 36.62 -15.33
CA LEU A 726 -23.19 37.68 -15.11
C LEU A 726 -23.72 38.26 -16.41
N LYS A 727 -25.00 38.61 -16.41
CA LYS A 727 -25.62 39.28 -17.54
C LYS A 727 -25.58 40.78 -17.31
N ARG A 728 -25.19 41.14 -16.10
CA ARG A 728 -25.07 42.53 -15.69
C ARG A 728 -23.87 42.68 -14.77
N GLN A 729 -23.04 43.66 -15.04
CA GLN A 729 -21.89 43.92 -14.19
C GLN A 729 -22.20 45.03 -13.22
N VAL A 730 -21.59 44.99 -12.04
CA VAL A 730 -21.86 45.99 -11.03
C VAL A 730 -21.44 47.38 -11.46
N LEU A 731 -20.26 47.47 -12.04
CA LEU A 731 -19.77 48.73 -12.51
C LEU A 731 -19.72 48.78 -14.02
N LEU A 732 -19.98 49.94 -14.55
CA LEU A 732 -19.80 50.22 -15.95
C LEU A 732 -18.52 50.92 -16.09
N TYR A 733 -17.95 50.84 -17.26
CA TYR A 733 -16.73 51.55 -17.47
C TYR A 733 -16.56 51.90 -18.91
N GLU A 734 -15.75 52.92 -19.16
CA GLU A 734 -15.51 53.39 -20.52
C GLU A 734 -14.81 52.31 -21.39
N PRO A 735 -13.44 52.16 -21.37
CA PRO A 735 -12.77 51.10 -22.07
C PRO A 735 -13.15 49.78 -21.43
N GLN A 736 -13.14 48.71 -22.22
CA GLN A 736 -13.51 47.42 -21.69
C GLN A 736 -12.27 46.59 -21.38
N VAL A 737 -12.39 45.62 -20.49
CA VAL A 737 -11.28 44.73 -20.20
C VAL A 737 -11.64 43.30 -20.41
N ASN A 738 -10.64 42.51 -20.74
CA ASN A 738 -10.83 41.09 -20.87
C ASN A 738 -10.35 40.48 -19.59
N SER A 739 -9.25 41.04 -19.09
CA SER A 739 -8.61 40.57 -17.88
C SER A 739 -8.10 41.79 -17.07
N PRO A 740 -7.90 41.67 -15.73
CA PRO A 740 -7.44 42.70 -14.82
C PRO A 740 -6.30 43.57 -15.36
N LYS A 741 -5.35 42.94 -16.05
CA LYS A 741 -4.18 43.63 -16.60
C LYS A 741 -4.52 44.70 -17.64
N ASP A 742 -5.74 44.66 -18.15
CA ASP A 742 -6.15 45.55 -19.20
C ASP A 742 -6.57 46.93 -18.69
N PHE A 743 -6.74 47.08 -17.37
CA PHE A 743 -7.15 48.38 -16.83
C PHE A 743 -6.03 49.40 -16.97
N THR A 744 -6.43 50.65 -17.15
CA THR A 744 -5.49 51.76 -17.21
C THR A 744 -5.85 52.77 -16.13
N GLU A 745 -4.90 53.59 -15.72
CA GLU A 745 -5.15 54.62 -14.71
C GLU A 745 -6.33 55.53 -15.06
N GLY A 746 -6.52 55.78 -16.35
CA GLY A 746 -7.57 56.67 -16.82
C GLY A 746 -8.91 55.96 -17.03
N THR A 747 -8.95 54.66 -16.77
CA THR A 747 -10.20 53.93 -16.96
C THR A 747 -11.25 54.46 -16.04
N LEU A 748 -12.37 54.88 -16.62
CA LEU A 748 -13.45 55.47 -15.85
C LEU A 748 -14.51 54.45 -15.51
N PHE A 749 -14.92 54.44 -14.24
CA PHE A 749 -15.93 53.53 -13.77
C PHE A 749 -17.14 54.27 -13.23
N SER A 750 -18.31 53.67 -13.36
CA SER A 750 -19.52 54.22 -12.80
C SER A 750 -20.43 53.12 -12.36
N VAL A 751 -21.50 53.46 -11.69
CA VAL A 751 -22.40 52.46 -11.20
C VAL A 751 -23.40 52.01 -12.24
N ASN A 752 -23.49 50.70 -12.43
CA ASN A 752 -24.40 50.17 -13.41
C ASN A 752 -25.82 50.27 -12.95
N GLN A 753 -26.44 51.40 -13.20
CA GLN A 753 -27.81 51.65 -12.77
C GLN A 753 -28.86 50.75 -13.46
N GLU A 754 -28.41 49.93 -14.42
CA GLU A 754 -29.28 48.97 -15.08
C GLU A 754 -29.02 47.56 -14.55
N PHE A 755 -28.13 47.46 -13.56
CA PHE A 755 -27.75 46.20 -12.96
C PHE A 755 -28.92 45.48 -12.41
N SER A 756 -28.99 44.20 -12.67
CA SER A 756 -30.07 43.42 -12.16
C SER A 756 -29.81 41.95 -12.23
N LEU A 757 -30.36 41.22 -11.29
CA LEU A 757 -30.37 39.79 -11.40
C LEU A 757 -31.23 39.47 -12.59
N ILE A 758 -30.70 38.69 -13.51
CA ILE A 758 -31.44 38.40 -14.72
C ILE A 758 -31.99 36.98 -14.69
N LYS A 759 -33.27 36.86 -14.97
CA LYS A 759 -33.94 35.57 -15.00
C LYS A 759 -34.72 35.45 -16.28
N ASN A 760 -34.45 34.42 -17.06
CA ASN A 760 -35.12 34.23 -18.35
C ASN A 760 -34.93 35.47 -19.22
N ALA A 761 -33.74 36.07 -19.12
CA ALA A 761 -33.36 37.28 -19.87
C ALA A 761 -34.18 38.52 -19.45
N LYS A 762 -34.87 38.43 -18.31
CA LYS A 762 -35.66 39.55 -17.82
C LYS A 762 -34.97 40.25 -16.67
N VAL A 763 -35.16 41.55 -16.59
CA VAL A 763 -34.62 42.36 -15.51
C VAL A 763 -35.48 42.23 -14.25
N GLN A 764 -34.88 41.76 -13.16
CA GLN A 764 -35.61 41.58 -11.92
C GLN A 764 -35.55 42.86 -11.11
N LYS A 765 -36.61 43.11 -10.33
CA LYS A 765 -36.66 44.29 -9.44
C LYS A 765 -35.72 44.18 -8.26
N ARG A 766 -35.29 42.96 -7.96
CA ARG A 766 -34.41 42.72 -6.85
C ARG A 766 -33.75 41.38 -6.99
N GLY A 767 -32.71 41.16 -6.20
CA GLY A 767 -32.06 39.86 -6.20
C GLY A 767 -30.69 39.91 -5.56
N LYS A 768 -29.81 39.00 -5.99
CA LYS A 768 -28.47 38.92 -5.43
C LYS A 768 -27.47 38.28 -6.39
N ILE A 769 -26.31 38.91 -6.53
CA ILE A 769 -25.22 38.41 -7.37
C ILE A 769 -23.86 38.40 -6.68
N ASN A 770 -23.11 37.30 -6.86
CA ASN A 770 -21.75 37.18 -6.34
C ASN A 770 -20.72 37.61 -7.35
N LEU A 771 -19.79 38.46 -6.91
CA LEU A 771 -18.71 38.90 -7.76
C LEU A 771 -17.36 38.69 -7.13
N ILE A 772 -17.25 37.64 -6.31
CA ILE A 772 -15.99 37.33 -5.64
C ILE A 772 -15.23 36.24 -6.37
N GLY A 773 -15.84 35.07 -6.43
CA GLY A 773 -15.20 33.93 -7.07
C GLY A 773 -13.75 33.76 -6.60
N ARG A 774 -12.84 33.62 -7.56
CA ARG A 774 -11.44 33.36 -7.31
C ARG A 774 -10.71 34.49 -6.60
N LEU A 775 -11.36 35.65 -6.44
CA LEU A 775 -10.70 36.77 -5.78
C LEU A 775 -10.17 36.39 -4.39
N GLN A 776 -10.79 35.40 -3.75
CA GLN A 776 -10.34 35.00 -2.43
C GLN A 776 -9.90 33.55 -2.37
N LEU A 777 -9.53 32.99 -3.52
CA LEU A 777 -9.09 31.61 -3.56
C LEU A 777 -7.62 31.52 -3.90
N THR A 778 -6.95 30.51 -3.34
CA THR A 778 -5.52 30.29 -3.57
C THR A 778 -5.07 30.81 -4.92
N THR A 779 -2.61 30.62 -7.47
CA THR A 779 -1.49 31.36 -8.03
C THR A 779 -0.20 30.60 -7.89
N GLU A 780 0.68 30.75 -8.88
CA GLU A 780 1.97 30.10 -8.86
C GLU A 780 2.80 30.61 -7.69
N ARG A 781 2.50 31.84 -7.25
CA ARG A 781 3.20 32.45 -6.16
C ARG A 781 2.93 31.70 -4.88
N MET A 782 1.66 31.56 -4.53
CA MET A 782 1.33 30.88 -3.30
C MET A 782 1.83 29.46 -3.33
N ARG A 783 1.73 28.82 -4.50
CA ARG A 783 2.17 27.45 -4.61
C ARG A 783 3.65 27.32 -4.27
N GLU A 784 4.46 28.25 -4.80
CA GLU A 784 5.88 28.23 -4.54
C GLU A 784 6.20 28.59 -3.12
N GLU A 785 5.47 29.55 -2.56
CA GLU A 785 5.72 29.95 -1.19
C GLU A 785 5.55 28.77 -0.27
N GLU A 786 4.52 27.95 -0.54
CA GLU A 786 4.28 26.77 0.25
C GLU A 786 5.40 25.77 0.01
N ASN A 787 5.87 25.66 -1.24
CA ASN A 787 6.94 24.74 -1.59
C ASN A 787 8.18 25.02 -0.80
N GLU A 788 8.60 26.27 -0.77
CA GLU A 788 9.81 26.60 -0.04
C GLU A 788 9.58 26.44 1.43
N GLY A 789 8.38 26.79 1.90
CA GLY A 789 8.06 26.63 3.30
C GLY A 789 8.34 25.19 3.71
N ILE A 790 7.95 24.25 2.85
CA ILE A 790 8.17 22.83 3.09
C ILE A 790 9.65 22.55 3.15
N VAL A 791 10.39 23.06 2.17
CA VAL A 791 11.82 22.84 2.12
C VAL A 791 12.47 23.27 3.40
N GLN A 792 12.10 24.44 3.87
CA GLN A 792 12.66 24.97 5.08
C GLN A 792 12.28 24.15 6.28
N LEU A 793 11.03 23.67 6.33
CA LEU A 793 10.64 22.78 7.40
C LEU A 793 11.48 21.53 7.39
N ARG A 794 11.76 21.01 6.20
CA ARG A 794 12.54 19.80 6.11
C ARG A 794 13.91 20.05 6.68
N ILE A 795 14.46 21.20 6.37
CA ILE A 795 15.76 21.61 6.85
C ILE A 795 15.77 21.73 8.37
N LEU A 796 14.77 22.41 8.89
CA LEU A 796 14.69 22.64 10.32
C LEU A 796 14.52 21.37 11.09
N ARG A 797 13.66 20.49 10.61
CA ARG A 797 13.42 19.24 11.29
C ARG A 797 14.65 18.38 11.24
N THR A 798 15.35 18.41 10.10
CA THR A 798 16.55 17.63 9.94
C THR A 798 17.59 18.05 10.94
N GLN A 799 17.81 19.34 11.04
CA GLN A 799 18.79 19.86 11.96
C GLN A 799 18.46 19.45 13.39
N GLU A 800 17.19 19.61 13.78
CA GLU A 800 16.74 19.25 15.12
C GLU A 800 16.93 17.78 15.34
N ALA A 801 16.60 16.99 14.34
CA ALA A 801 16.72 15.55 14.42
C ALA A 801 18.16 15.16 14.64
N ILE A 802 19.10 15.85 13.97
CA ILE A 802 20.52 15.55 14.16
C ILE A 802 20.89 15.77 15.59
N ILE A 803 20.44 16.89 16.15
CA ILE A 803 20.75 17.22 17.53
C ILE A 803 20.23 16.13 18.45
N GLN A 804 18.98 15.73 18.23
CA GLN A 804 18.34 14.72 19.05
C GLN A 804 19.09 13.39 18.97
N ILE A 805 19.51 13.05 17.77
CA ILE A 805 20.24 11.80 17.54
C ILE A 805 21.57 11.82 18.28
N MET A 806 22.26 12.93 18.15
CA MET A 806 23.57 13.07 18.80
C MET A 806 23.47 13.07 20.31
N LYS A 807 22.35 13.57 20.85
CA LYS A 807 22.14 13.52 22.28
C LYS A 807 21.95 12.08 22.71
N MET A 808 21.21 11.31 21.91
CA MET A 808 20.95 9.90 22.14
C MET A 808 22.25 9.09 22.08
N ARG A 809 22.98 9.25 20.98
CA ARG A 809 24.24 8.57 20.74
C ARG A 809 25.34 9.59 20.63
N LYS A 810 26.19 9.65 21.64
CA LYS A 810 27.19 10.69 21.71
C LYS A 810 28.19 10.69 20.56
N LYS A 811 28.44 9.52 19.94
CA LYS A 811 29.37 9.46 18.82
C LYS A 811 28.96 8.42 17.78
N ILE A 812 28.63 8.89 16.57
CA ILE A 812 28.16 7.98 15.50
C ILE A 812 28.67 8.36 14.10
N SER A 813 28.66 7.39 13.20
CA SER A 813 29.06 7.63 11.81
C SER A 813 27.99 8.35 11.04
N ASN A 814 28.38 8.98 9.94
CA ASN A 814 27.43 9.61 9.03
C ASN A 814 26.34 8.65 8.64
N ALA A 815 26.71 7.40 8.43
CA ALA A 815 25.75 6.39 8.04
C ALA A 815 24.71 6.21 9.12
N GLN A 816 25.17 6.12 10.36
CA GLN A 816 24.26 5.95 11.48
C GLN A 816 23.37 7.16 11.65
N LEU A 817 23.96 8.33 11.50
CA LEU A 817 23.26 9.58 11.64
C LEU A 817 22.21 9.73 10.57
N GLN A 818 22.62 9.54 9.32
CA GLN A 818 21.74 9.67 8.18
C GLN A 818 20.61 8.65 8.25
N THR A 819 20.94 7.43 8.65
CA THR A 819 19.94 6.38 8.79
C THR A 819 18.86 6.78 9.76
N GLU A 820 19.27 7.24 10.95
CA GLU A 820 18.33 7.64 11.97
C GLU A 820 17.52 8.83 11.52
N LEU A 821 18.16 9.77 10.81
CA LEU A 821 17.46 10.95 10.32
C LEU A 821 16.36 10.56 9.36
N VAL A 822 16.67 9.63 8.46
CA VAL A 822 15.68 9.16 7.52
C VAL A 822 14.52 8.53 8.23
N GLU A 823 14.80 7.72 9.25
CA GLU A 823 13.74 7.06 10.00
C GLU A 823 12.88 8.05 10.77
N ILE A 824 13.50 8.96 11.48
CA ILE A 824 12.77 9.92 12.29
C ILE A 824 11.83 10.76 11.46
N LEU A 825 12.32 11.20 10.33
CA LEU A 825 11.60 12.10 9.46
C LEU A 825 10.81 11.37 8.38
N LYS A 826 10.90 10.03 8.38
CA LYS A 826 10.29 9.17 7.35
C LYS A 826 8.81 9.41 7.14
N ASN A 827 8.11 9.72 8.22
CA ASN A 827 6.65 9.87 8.15
C ASN A 827 6.25 11.22 7.60
N MET A 828 7.24 12.05 7.27
CA MET A 828 7.01 13.35 6.70
C MET A 828 7.57 13.40 5.29
N PHE A 829 8.80 12.96 5.14
CA PHE A 829 9.50 13.06 3.88
C PHE A 829 10.73 12.20 3.88
N LEU A 830 11.39 12.11 2.75
CA LEU A 830 12.68 11.43 2.70
C LEU A 830 13.84 12.45 2.74
N PRO A 831 14.64 12.43 3.82
CA PRO A 831 15.75 13.33 3.96
C PRO A 831 16.81 13.06 2.93
N GLN A 832 17.38 14.12 2.40
CA GLN A 832 18.45 14.01 1.45
C GLN A 832 19.77 14.19 2.16
N LYS A 833 20.76 13.39 1.77
CA LYS A 833 22.06 13.46 2.42
C LYS A 833 22.70 14.83 2.26
N LYS A 834 22.44 15.50 1.15
CA LYS A 834 22.98 16.84 0.93
C LYS A 834 22.48 17.78 2.01
N MET A 835 21.17 17.81 2.20
CA MET A 835 20.57 18.64 3.22
C MET A 835 21.13 18.31 4.57
N ILE A 836 21.21 17.01 4.87
CA ILE A 836 21.71 16.57 6.15
C ILE A 836 23.11 17.10 6.37
N LYS A 837 23.95 16.96 5.36
CA LYS A 837 25.31 17.47 5.40
C LYS A 837 25.32 18.93 5.76
N GLU A 838 24.48 19.71 5.10
CA GLU A 838 24.45 21.13 5.35
C GLU A 838 24.05 21.40 6.80
N GLN A 839 23.11 20.61 7.32
CA GLN A 839 22.67 20.81 8.70
C GLN A 839 23.78 20.42 9.65
N ILE A 840 24.53 19.39 9.28
CA ILE A 840 25.66 18.97 10.08
C ILE A 840 26.69 20.07 10.17
N GLU A 841 27.02 20.68 9.02
CA GLU A 841 27.99 21.76 8.99
C GLU A 841 27.53 22.88 9.88
N TRP A 842 26.25 23.23 9.79
CA TRP A 842 25.66 24.25 10.62
C TRP A 842 25.86 23.93 12.09
N LEU A 843 25.47 22.72 12.47
CA LEU A 843 25.53 22.29 13.84
C LEU A 843 26.97 22.25 14.33
N ILE A 844 27.89 21.98 13.45
CA ILE A 844 29.28 22.02 13.84
C ILE A 844 29.69 23.44 14.09
N GLU A 845 29.34 24.33 13.16
CA GLU A 845 29.68 25.74 13.25
C GLU A 845 29.07 26.36 14.51
N HIS A 846 27.87 25.91 14.87
CA HIS A 846 27.16 26.43 16.03
C HIS A 846 27.36 25.59 17.30
N LYS A 847 28.40 24.75 17.30
CA LYS A 847 28.80 23.97 18.45
C LYS A 847 27.74 23.07 19.04
N TYR A 848 26.95 22.45 18.21
CA TYR A 848 26.00 21.46 18.68
C TYR A 848 26.63 20.10 18.54
N ILE A 849 27.44 19.94 17.49
CA ILE A 849 28.14 18.69 17.23
C ILE A 849 29.55 19.00 16.75
N ARG A 850 30.37 17.97 16.61
CA ARG A 850 31.67 18.15 16.00
C ARG A 850 32.15 16.91 15.29
N ARG A 851 33.01 17.08 14.31
CA ARG A 851 33.59 15.93 13.61
C ARG A 851 34.65 15.24 14.43
N ASP A 852 34.69 13.92 14.30
CA ASP A 852 35.73 13.11 14.92
C ASP A 852 37.08 13.46 14.35
N GLU A 853 38.07 13.65 15.20
CA GLU A 853 39.42 14.00 14.79
C GLU A 853 40.02 13.03 13.75
N SER A 854 39.54 11.79 13.73
CA SER A 854 40.06 10.79 12.81
C SER A 854 39.09 10.41 11.70
N ASP A 855 37.91 11.05 11.68
CA ASP A 855 36.88 10.69 10.70
C ASP A 855 35.82 11.78 10.52
N ILE A 856 35.88 12.48 9.40
CA ILE A 856 34.96 13.58 9.13
C ILE A 856 33.50 13.11 8.98
N ASN A 857 33.30 11.79 8.91
CA ASN A 857 32.00 11.18 8.79
C ASN A 857 31.40 10.85 10.13
N THR A 858 32.21 10.89 11.16
CA THR A 858 31.77 10.57 12.49
C THR A 858 31.57 11.82 13.28
N PHE A 859 30.46 11.92 13.96
CA PHE A 859 30.17 13.12 14.68
C PHE A 859 30.02 12.85 16.15
N ILE A 860 30.40 13.84 16.97
CA ILE A 860 30.30 13.77 18.39
C ILE A 860 29.48 14.91 18.93
N TYR A 861 28.57 14.62 19.83
CA TYR A 861 27.76 15.69 20.39
C TYR A 861 28.64 16.71 21.09
N MET A 862 28.37 17.98 20.84
CA MET A 862 29.12 19.07 21.42
C MET A 862 28.21 20.03 22.15
N ALA A 863 28.65 20.48 23.32
CA ALA A 863 27.89 21.43 24.14
C ALA A 863 26.62 20.79 24.66
N ASP B 27 -30.16 54.91 2.21
CA ASP B 27 -30.46 54.20 0.97
C ASP B 27 -29.48 54.61 -0.14
N LYS B 28 -28.21 54.27 0.07
CA LYS B 28 -27.14 54.63 -0.85
C LYS B 28 -26.95 53.57 -1.92
N MET B 29 -26.09 53.85 -2.91
CA MET B 29 -25.91 52.92 -4.02
C MET B 29 -25.47 51.55 -3.57
N PHE B 30 -24.64 51.50 -2.56
CA PHE B 30 -24.14 50.24 -2.08
C PHE B 30 -24.30 50.16 -0.58
N SER B 31 -25.53 49.88 -0.14
CA SER B 31 -25.86 49.95 1.27
C SER B 31 -25.41 48.70 1.98
N LEU B 32 -24.55 48.88 2.96
CA LEU B 32 -23.98 47.73 3.64
C LEU B 32 -25.03 46.90 4.34
N LYS B 33 -25.03 45.61 4.01
CA LYS B 33 -25.94 44.65 4.56
C LYS B 33 -25.20 43.64 5.44
N LYS B 34 -23.99 43.27 5.03
CA LYS B 34 -23.21 42.26 5.75
C LYS B 34 -21.71 42.47 5.57
N TRP B 35 -20.91 42.24 6.61
CA TRP B 35 -19.46 42.31 6.42
C TRP B 35 -18.72 41.22 7.15
N ASN B 36 -18.13 40.32 6.40
CA ASN B 36 -17.36 39.22 6.94
C ASN B 36 -15.92 39.64 7.09
N ALA B 37 -15.60 40.26 8.20
CA ALA B 37 -14.29 40.82 8.43
C ALA B 37 -13.30 39.77 8.85
N VAL B 38 -12.12 39.84 8.26
CA VAL B 38 -11.04 38.94 8.62
C VAL B 38 -9.78 39.69 9.03
N ALA B 39 -9.25 39.31 10.17
CA ALA B 39 -8.02 39.87 10.66
C ALA B 39 -7.34 38.86 11.50
N MET B 40 -6.05 39.01 11.67
CA MET B 40 -5.32 38.12 12.53
C MET B 40 -4.89 38.88 13.75
N TRP B 41 -4.30 38.21 14.70
CA TRP B 41 -3.72 38.95 15.78
C TRP B 41 -2.36 38.42 16.15
N SER B 42 -1.55 39.31 16.68
CA SER B 42 -0.24 38.96 17.16
C SER B 42 0.03 39.73 18.41
N TRP B 43 1.22 39.59 18.94
CA TRP B 43 1.53 40.31 20.15
C TRP B 43 1.88 41.76 19.85
N ASP B 44 1.25 42.66 20.59
CA ASP B 44 1.49 44.09 20.42
C ASP B 44 2.78 44.49 21.11
N VAL B 45 3.26 45.69 20.78
CA VAL B 45 4.45 46.36 21.34
C VAL B 45 5.09 47.21 20.26
N GLU B 46 5.39 46.58 19.11
CA GLU B 46 5.97 47.19 17.92
C GLU B 46 6.67 46.14 17.09
N CYS B 47 6.61 46.25 15.76
CA CYS B 47 7.35 45.32 14.91
C CYS B 47 8.80 45.72 14.95
N ASP B 48 9.42 45.41 16.07
CA ASP B 48 10.74 45.88 16.42
C ASP B 48 11.77 44.77 16.30
N THR B 49 12.44 44.48 17.41
CA THR B 49 13.49 43.51 17.41
C THR B 49 13.12 42.20 18.06
N CYS B 50 13.88 41.79 16.64
CA CYS B 50 13.95 40.53 17.38
C CYS B 50 14.07 40.84 18.86
N ALA B 51 13.57 39.97 19.72
CA ALA B 51 13.67 40.20 21.15
C ALA B 51 14.89 39.51 21.75
N ILE B 52 15.16 38.29 21.30
CA ILE B 52 16.31 37.54 21.79
C ILE B 52 17.52 38.35 21.36
N CYS B 53 17.68 38.48 20.06
CA CYS B 53 18.75 39.27 19.51
C CYS B 53 18.23 40.70 19.60
N ARG B 54 18.25 41.44 18.50
CA ARG B 54 17.74 42.80 18.55
C ARG B 54 17.64 43.56 17.23
N VAL B 55 18.03 42.93 16.13
CA VAL B 55 17.95 43.58 14.82
C VAL B 55 16.48 43.53 14.39
N GLN B 56 16.07 44.44 13.50
CA GLN B 56 14.68 44.46 13.05
C GLN B 56 14.24 43.09 12.56
N VAL B 57 13.07 42.66 13.00
CA VAL B 57 12.54 41.36 12.62
C VAL B 57 12.61 41.13 11.13
N MET B 58 12.61 42.21 10.35
CA MET B 58 12.66 42.09 8.89
C MET B 58 14.08 42.19 8.32
N ASP B 59 15.04 42.51 9.19
CA ASP B 59 16.43 42.64 8.78
C ASP B 59 17.30 41.48 9.30
N ALA B 60 18.57 41.47 8.89
CA ALA B 60 19.49 40.42 9.29
C ALA B 60 19.61 40.34 10.80
N CYS B 61 20.09 39.20 11.31
CA CYS B 61 20.25 39.03 12.74
C CYS B 61 21.71 38.98 13.22
N LEU B 62 21.90 39.22 14.51
CA LEU B 62 23.23 39.21 15.12
C LEU B 62 24.30 38.40 14.39
N ARG B 63 23.93 37.21 13.95
CA ARG B 63 24.89 36.33 13.27
C ARG B 63 25.06 36.58 11.76
N CYS B 64 23.96 36.84 11.06
CA CYS B 64 24.04 37.08 9.61
C CYS B 64 24.69 38.42 9.31
N GLN B 65 24.04 39.50 9.77
CA GLN B 65 24.52 40.86 9.54
C GLN B 65 25.95 41.13 10.04
N ALA B 66 26.55 40.14 10.68
CA ALA B 66 27.92 40.27 11.19
C ALA B 66 28.86 39.32 10.45
N GLU B 67 28.41 38.09 10.25
CA GLU B 67 29.22 37.09 9.57
C GLU B 67 28.79 36.84 8.12
N ASN B 68 28.29 37.89 7.48
CA ASN B 68 27.86 37.79 6.08
C ASN B 68 29.09 38.19 5.27
N ASP B 72 19.66 32.18 5.70
CA ASP B 72 19.10 33.51 5.59
C ASP B 72 18.25 33.86 6.82
N CYS B 73 18.74 34.77 7.67
CA CYS B 73 18.00 35.18 8.87
C CYS B 73 16.54 35.49 8.53
N VAL B 74 15.66 34.49 8.66
CA VAL B 74 14.23 34.68 8.40
C VAL B 74 13.44 34.61 9.70
N VAL B 75 12.11 34.66 9.62
CA VAL B 75 11.27 34.64 10.81
C VAL B 75 10.57 33.32 11.13
N VAL B 76 10.26 33.15 12.40
CA VAL B 76 9.57 31.97 12.87
C VAL B 76 8.56 32.42 13.92
N TRP B 77 7.42 31.75 14.00
CA TRP B 77 6.41 32.11 14.95
C TRP B 77 6.18 31.01 15.98
N GLY B 78 5.64 31.39 17.13
CA GLY B 78 5.35 30.41 18.17
C GLY B 78 3.85 30.34 18.30
N GLU B 79 3.32 29.20 18.71
CA GLU B 79 1.88 29.07 18.88
C GLU B 79 1.39 30.21 19.77
N CYS B 80 2.31 30.82 20.52
CA CYS B 80 1.97 31.91 21.44
C CYS B 80 1.91 33.26 20.72
N ASN B 81 2.00 33.21 19.39
CA ASN B 81 1.95 34.38 18.52
C ASN B 81 3.12 35.35 18.63
N HIS B 82 4.19 34.91 19.26
CA HIS B 82 5.39 35.72 19.38
C HIS B 82 6.29 35.36 18.20
N SER B 83 7.00 36.35 17.67
CA SER B 83 7.86 36.14 16.51
C SER B 83 9.30 36.62 16.68
N PHE B 84 10.27 35.80 16.27
CA PHE B 84 11.68 36.15 16.35
C PHE B 84 12.37 35.63 15.10
N HIS B 85 13.66 35.90 15.00
CA HIS B 85 14.43 35.40 13.88
C HIS B 85 14.55 33.92 14.22
N ASN B 86 14.38 33.06 13.22
CA ASN B 86 14.49 31.64 13.44
C ASN B 86 15.84 31.27 14.05
N CYS B 87 16.88 31.99 13.64
CA CYS B 87 18.21 31.71 14.14
C CYS B 87 18.38 32.08 15.60
N CYS B 88 17.67 33.11 16.08
CA CYS B 88 17.82 33.53 17.47
C CYS B 88 17.02 32.65 18.43
N MET B 89 15.81 32.29 18.03
CA MET B 89 14.97 31.48 18.90
C MET B 89 15.39 29.99 18.93
N SER B 90 16.11 29.54 17.90
CA SER B 90 16.60 28.16 17.85
C SER B 90 17.72 27.99 18.85
N LEU B 91 18.62 28.98 18.89
CA LEU B 91 19.77 28.97 19.81
C LEU B 91 19.30 29.03 21.24
N TRP B 92 18.28 29.83 21.48
CA TRP B 92 17.73 29.98 22.82
C TRP B 92 17.04 28.73 23.32
N VAL B 93 16.26 28.09 22.45
CA VAL B 93 15.53 26.87 22.79
C VAL B 93 16.42 25.76 23.34
N LYS B 94 17.73 25.84 23.06
CA LYS B 94 18.66 24.82 23.53
C LYS B 94 18.93 24.95 25.03
N GLN B 95 18.69 26.11 25.61
CA GLN B 95 18.92 26.22 27.04
C GLN B 95 17.62 25.73 27.66
N ASN B 96 16.49 26.20 27.13
CA ASN B 96 15.16 25.77 27.59
C ASN B 96 14.14 25.97 26.47
N ASN B 97 13.28 24.97 26.29
CA ASN B 97 12.30 24.96 25.23
C ASN B 97 11.05 25.81 25.54
N ARG B 98 11.25 27.06 25.91
CA ARG B 98 10.13 27.94 26.21
C ARG B 98 10.27 29.26 25.49
N CYS B 99 9.19 30.04 25.44
CA CYS B 99 9.23 31.34 24.78
C CYS B 99 9.97 32.36 25.64
N PRO B 100 10.92 33.09 25.05
CA PRO B 100 11.69 34.09 25.79
C PRO B 100 10.81 35.15 26.50
N LEU B 101 9.74 35.60 25.85
CA LEU B 101 8.86 36.63 26.41
C LEU B 101 7.93 36.17 27.53
N CYS B 102 7.07 35.19 27.26
CA CYS B 102 6.24 34.66 28.33
C CYS B 102 7.08 33.46 28.73
N GLN B 103 6.50 32.45 29.36
CA GLN B 103 7.33 31.30 29.70
C GLN B 103 6.59 30.01 29.44
N GLN B 104 5.75 30.02 28.42
CA GLN B 104 4.97 28.84 28.08
C GLN B 104 5.80 27.92 27.21
N ASP B 105 5.49 26.62 27.29
CA ASP B 105 6.19 25.63 26.47
C ASP B 105 6.20 26.21 25.07
N TRP B 106 7.32 26.05 24.37
CA TRP B 106 7.43 26.59 23.03
C TRP B 106 7.01 25.61 21.95
N VAL B 107 6.41 26.15 20.90
CA VAL B 107 6.00 25.36 19.76
C VAL B 107 5.95 26.21 18.51
N VAL B 108 6.76 25.84 17.53
CA VAL B 108 6.77 26.59 16.28
C VAL B 108 5.39 26.55 15.65
N GLN B 109 4.91 27.73 15.28
CA GLN B 109 3.62 27.85 14.63
C GLN B 109 3.85 27.92 13.12
N ARG B 110 4.79 28.76 12.73
CA ARG B 110 5.09 28.96 11.31
C ARG B 110 6.53 29.41 11.10
N ILE B 111 7.10 29.00 9.96
CA ILE B 111 8.45 29.37 9.60
C ILE B 111 8.33 30.30 8.41
N GLY B 112 7.21 30.19 7.69
CA GLY B 112 6.99 31.06 6.56
C GLY B 112 7.16 32.49 7.01
N LYS B 113 7.62 33.35 6.09
CA LYS B 113 7.83 34.75 6.41
C LYS B 113 6.55 35.46 6.85
#